data_1EV9
#
_entry.id   1EV9
#
_cell.length_a   84.7
_cell.length_b   275.1
_cell.length_c   70.5
_cell.angle_alpha   90.00
_cell.angle_beta   90.00
_cell.angle_gamma   90.00
#
_symmetry.space_group_name_H-M   'C 2 2 21'
#
loop_
_entity.id
_entity.type
_entity.pdbx_description
1 polymer 'GLUTATHIONE S-TRANSFERASE A1-1'
2 non-polymer 'SULFATE ION'
3 non-polymer 'GLUTATHIONE SULFONIC ACID'
4 water water
#
_entity_poly.entity_id   1
_entity_poly.type   'polypeptide(L)'
_entity_poly.pdbx_seq_one_letter_code
;SGKPVLHYFNARGRMECIRFLLAAAGVEFDEKFIQSPEDLEKLKKDGNLMFDQVPMVEIDGMKLAQTRAILNYIATKYDL
YGKDMKERALIDMYSEGILDLTEMIMQLVICPPDQKEAKTALAKDRTKNRYLPAFEKVLKSHGQDYLVGNKLTRVDIHLL
ELLLYVEEFDASLLTSFPLLKAFKSRISSLPNVKKFLQPGSQRKLPMDAKQIEEARKIFKF
;
_entity_poly.pdbx_strand_id   A,C,D
#
# COMPACT_ATOMS: atom_id res chain seq x y z
N SER A 1 -14.37 -52.67 15.09
CA SER A 1 -13.44 -51.55 14.80
C SER A 1 -13.77 -50.29 15.60
N GLY A 2 -15.03 -49.85 15.49
CA GLY A 2 -15.45 -48.65 16.20
C GLY A 2 -15.08 -47.44 15.38
N LYS A 3 -16.06 -46.59 15.12
CA LYS A 3 -15.85 -45.41 14.34
C LYS A 3 -15.54 -44.25 15.29
N PRO A 4 -14.34 -43.68 15.21
CA PRO A 4 -13.91 -42.57 16.06
C PRO A 4 -14.88 -41.40 16.01
N VAL A 5 -14.99 -40.70 17.12
CA VAL A 5 -15.88 -39.59 17.23
C VAL A 5 -15.03 -38.32 17.39
N LEU A 6 -15.20 -37.40 16.45
CA LEU A 6 -14.45 -36.19 16.50
C LEU A 6 -15.38 -35.08 16.91
N HIS A 7 -14.95 -34.28 17.88
CA HIS A 7 -15.77 -33.17 18.35
C HIS A 7 -15.19 -31.84 17.88
N TYR A 8 -15.95 -31.05 17.15
CA TYR A 8 -15.42 -29.82 16.71
C TYR A 8 -16.48 -28.93 16.13
N PHE A 9 -16.10 -27.67 15.87
CA PHE A 9 -16.97 -26.76 15.30
C PHE A 9 -17.08 -27.20 13.85
N ASN A 10 -18.15 -26.76 13.21
CA ASN A 10 -18.37 -27.08 11.84
C ASN A 10 -17.40 -26.24 11.03
N ALA A 11 -16.11 -26.54 11.19
CA ALA A 11 -15.08 -25.80 10.51
C ALA A 11 -13.80 -26.60 10.42
N ARG A 12 -12.89 -26.16 9.56
CA ARG A 12 -11.62 -26.80 9.38
C ARG A 12 -10.86 -26.70 10.69
N GLY A 13 -10.50 -25.47 11.03
CA GLY A 13 -9.76 -25.23 12.26
C GLY A 13 -8.58 -26.17 12.39
N ARG A 14 -8.50 -26.81 13.54
CA ARG A 14 -7.42 -27.73 13.85
C ARG A 14 -7.78 -29.20 13.60
N MET A 15 -9.06 -29.47 13.43
CA MET A 15 -9.53 -30.80 13.21
C MET A 15 -9.37 -31.22 11.76
N GLU A 16 -9.31 -30.24 10.87
CA GLU A 16 -9.19 -30.53 9.49
C GLU A 16 -8.07 -31.49 9.14
N CYS A 17 -6.91 -31.31 9.73
CA CYS A 17 -5.84 -32.18 9.45
C CYS A 17 -6.15 -33.60 9.91
N ILE A 18 -6.89 -33.72 10.99
CA ILE A 18 -7.26 -35.01 11.53
C ILE A 18 -8.23 -35.69 10.59
N ARG A 19 -9.15 -34.91 10.04
CA ARG A 19 -10.12 -35.44 9.12
C ARG A 19 -9.39 -36.00 7.90
N PHE A 20 -8.45 -35.20 7.40
CA PHE A 20 -7.68 -35.58 6.24
C PHE A 20 -6.91 -36.87 6.48
N LEU A 21 -6.28 -36.95 7.65
CA LEU A 21 -5.52 -38.12 7.97
C LEU A 21 -6.38 -39.36 8.04
N LEU A 22 -7.51 -39.27 8.74
CA LEU A 22 -8.42 -40.42 8.87
C LEU A 22 -8.91 -40.91 7.51
N ALA A 23 -9.43 -40.00 6.71
CA ALA A 23 -9.90 -40.37 5.40
C ALA A 23 -8.79 -41.04 4.58
N ALA A 24 -7.57 -40.47 4.63
CA ALA A 24 -6.46 -41.04 3.90
C ALA A 24 -6.18 -42.48 4.34
N ALA A 25 -6.46 -42.77 5.61
CA ALA A 25 -6.27 -44.10 6.12
C ALA A 25 -7.47 -44.98 5.78
N GLY A 26 -8.49 -44.39 5.19
CA GLY A 26 -9.67 -45.15 4.82
C GLY A 26 -10.44 -45.59 6.05
N VAL A 27 -10.36 -44.79 7.10
CA VAL A 27 -11.04 -45.08 8.31
C VAL A 27 -12.24 -44.13 8.43
N GLU A 28 -13.44 -44.69 8.42
CA GLU A 28 -14.66 -43.86 8.53
C GLU A 28 -14.81 -43.33 9.96
N PHE A 29 -15.30 -42.09 10.08
CA PHE A 29 -15.47 -41.47 11.36
C PHE A 29 -16.77 -40.69 11.49
N ASP A 30 -17.22 -40.53 12.74
CA ASP A 30 -18.43 -39.82 13.07
C ASP A 30 -17.99 -38.53 13.76
N GLU A 31 -18.74 -37.45 13.55
CA GLU A 31 -18.45 -36.21 14.14
C GLU A 31 -19.69 -35.62 14.81
N LYS A 32 -19.47 -34.88 15.87
CA LYS A 32 -20.51 -34.24 16.56
C LYS A 32 -20.09 -32.78 16.45
N PHE A 33 -20.83 -32.00 15.69
CA PHE A 33 -20.50 -30.63 15.52
C PHE A 33 -20.99 -29.70 16.59
N ILE A 34 -20.09 -28.88 17.08
CA ILE A 34 -20.41 -27.92 18.07
C ILE A 34 -21.07 -26.79 17.33
N GLN A 35 -22.38 -26.67 17.53
CA GLN A 35 -23.14 -25.66 16.90
C GLN A 35 -23.61 -24.53 17.79
N SER A 36 -23.67 -24.72 19.10
CA SER A 36 -24.13 -23.66 20.02
C SER A 36 -23.24 -23.57 21.27
N PRO A 37 -23.13 -22.40 21.93
CA PRO A 37 -22.29 -22.29 23.11
C PRO A 37 -22.77 -23.36 24.08
N GLU A 38 -24.06 -23.65 24.03
CA GLU A 38 -24.65 -24.62 24.84
C GLU A 38 -23.95 -25.93 24.55
N ASP A 39 -23.91 -26.32 23.28
CA ASP A 39 -23.26 -27.53 22.87
C ASP A 39 -21.89 -27.65 23.49
N LEU A 40 -21.15 -26.55 23.49
CA LEU A 40 -19.84 -26.54 24.02
C LEU A 40 -19.84 -26.67 25.52
N GLU A 41 -20.73 -25.94 26.18
CA GLU A 41 -20.78 -26.00 27.59
C GLU A 41 -21.14 -27.42 28.00
N LYS A 42 -22.17 -27.98 27.34
CA LYS A 42 -22.59 -29.32 27.64
C LYS A 42 -21.40 -30.25 27.43
N LEU A 43 -20.67 -30.03 26.36
CA LEU A 43 -19.51 -30.84 26.06
C LEU A 43 -18.52 -30.81 27.20
N LYS A 44 -18.20 -29.60 27.67
CA LYS A 44 -17.28 -29.42 28.76
C LYS A 44 -17.83 -30.05 30.04
N LYS A 45 -19.09 -29.77 30.33
CA LYS A 45 -19.78 -30.30 31.49
C LYS A 45 -19.55 -31.78 31.69
N ASP A 46 -19.52 -32.52 30.59
CA ASP A 46 -19.31 -33.98 30.62
C ASP A 46 -17.99 -34.45 31.22
N GLY A 47 -17.05 -33.52 31.34
CA GLY A 47 -15.75 -33.85 31.90
C GLY A 47 -14.94 -34.77 31.01
N ASN A 48 -15.04 -34.58 29.70
CA ASN A 48 -14.29 -35.42 28.74
C ASN A 48 -13.21 -34.72 27.92
N LEU A 49 -13.06 -33.42 28.12
CA LEU A 49 -12.06 -32.65 27.42
C LEU A 49 -11.01 -32.37 28.50
N MET A 50 -9.89 -33.08 28.45
CA MET A 50 -8.85 -32.94 29.45
C MET A 50 -8.48 -31.51 29.82
N PHE A 51 -8.59 -30.58 28.88
CA PHE A 51 -8.26 -29.17 29.13
C PHE A 51 -9.43 -28.27 28.73
N ASP A 52 -10.63 -28.83 28.70
CA ASP A 52 -11.82 -28.09 28.33
C ASP A 52 -11.74 -27.49 26.94
N GLN A 53 -11.10 -28.22 26.04
CA GLN A 53 -10.95 -27.75 24.69
C GLN A 53 -11.13 -28.89 23.69
N VAL A 54 -11.34 -28.52 22.43
CA VAL A 54 -11.44 -29.47 21.35
C VAL A 54 -10.39 -28.99 20.37
N PRO A 55 -9.89 -29.79 19.42
CA PRO A 55 -10.14 -31.19 19.08
C PRO A 55 -10.15 -32.20 20.22
N MET A 56 -10.90 -33.27 20.03
CA MET A 56 -11.01 -34.34 20.98
C MET A 56 -11.64 -35.46 20.19
N VAL A 57 -10.96 -36.59 20.16
CA VAL A 57 -11.41 -37.69 19.45
C VAL A 57 -11.56 -38.85 20.38
N GLU A 58 -12.72 -39.47 20.34
CA GLU A 58 -12.98 -40.63 21.11
C GLU A 58 -12.52 -41.74 20.19
N ILE A 59 -11.57 -42.53 20.65
CA ILE A 59 -11.05 -43.60 19.86
C ILE A 59 -10.33 -44.60 20.75
N ASP A 60 -10.60 -45.88 20.53
CA ASP A 60 -9.98 -46.93 21.28
C ASP A 60 -10.14 -46.71 22.77
N GLY A 61 -11.32 -46.24 23.17
CA GLY A 61 -11.59 -46.02 24.58
C GLY A 61 -11.00 -44.76 25.20
N MET A 62 -10.24 -43.99 24.43
CA MET A 62 -9.64 -42.76 24.95
C MET A 62 -10.45 -41.56 24.51
N LYS A 63 -10.34 -40.48 25.28
CA LYS A 63 -10.96 -39.22 24.97
C LYS A 63 -9.72 -38.37 24.75
N LEU A 64 -9.09 -38.60 23.62
CA LEU A 64 -7.89 -37.97 23.26
C LEU A 64 -8.04 -36.58 22.71
N ALA A 65 -7.49 -35.62 23.44
CA ALA A 65 -7.52 -34.26 23.00
C ALA A 65 -6.11 -33.89 22.55
N GLN A 66 -5.94 -32.65 22.11
CA GLN A 66 -4.68 -32.14 21.62
C GLN A 66 -4.40 -32.63 20.21
N THR A 67 -4.60 -31.72 19.26
CA THR A 67 -4.38 -31.98 17.85
C THR A 67 -3.23 -32.94 17.54
N ARG A 68 -2.03 -32.56 17.96
CA ARG A 68 -0.86 -33.35 17.70
C ARG A 68 -0.86 -34.71 18.36
N ALA A 69 -1.54 -34.81 19.50
CA ALA A 69 -1.61 -36.06 20.22
C ALA A 69 -2.50 -36.99 19.42
N ILE A 70 -3.62 -36.45 18.98
CA ILE A 70 -4.55 -37.21 18.19
C ILE A 70 -3.89 -37.71 16.91
N LEU A 71 -3.33 -36.78 16.12
CA LEU A 71 -2.65 -37.10 14.84
C LEU A 71 -1.55 -38.14 14.99
N ASN A 72 -0.73 -37.93 16.01
CA ASN A 72 0.33 -38.79 16.31
C ASN A 72 -0.18 -40.20 16.52
N TYR A 73 -1.25 -40.32 17.29
CA TYR A 73 -1.85 -41.59 17.59
C TYR A 73 -2.36 -42.26 16.34
N ILE A 74 -3.11 -41.51 15.56
CA ILE A 74 -3.66 -42.01 14.36
C ILE A 74 -2.58 -42.46 13.40
N ALA A 75 -1.51 -41.70 13.31
CA ALA A 75 -0.43 -42.04 12.40
C ALA A 75 0.17 -43.41 12.70
N THR A 76 0.48 -43.67 13.96
CA THR A 76 1.07 -44.95 14.35
C THR A 76 0.13 -46.12 14.05
N LYS A 77 -1.07 -46.08 14.63
CA LYS A 77 -2.04 -47.15 14.44
C LYS A 77 -2.36 -47.48 12.99
N TYR A 78 -2.38 -46.48 12.11
CA TYR A 78 -2.67 -46.77 10.73
C TYR A 78 -1.39 -46.79 9.87
N ASP A 79 -0.27 -47.13 10.47
CA ASP A 79 1.02 -47.22 9.78
C ASP A 79 1.34 -46.11 8.80
N LEU A 80 0.99 -44.88 9.17
CA LEU A 80 1.27 -43.74 8.37
C LEU A 80 2.39 -42.94 9.03
N TYR A 81 3.17 -43.59 9.88
CA TYR A 81 4.22 -42.91 10.59
C TYR A 81 5.65 -43.39 10.29
N GLY A 82 5.88 -43.89 9.09
CA GLY A 82 7.20 -44.33 8.73
C GLY A 82 7.67 -45.62 9.40
N LYS A 83 8.86 -46.06 9.00
CA LYS A 83 9.45 -47.28 9.49
C LYS A 83 10.21 -47.20 10.81
N ASP A 84 10.89 -46.10 11.07
CA ASP A 84 11.70 -46.01 12.29
C ASP A 84 11.97 -44.67 12.92
N MET A 85 12.81 -44.71 13.93
CA MET A 85 13.23 -43.58 14.70
C MET A 85 13.85 -42.40 13.97
N LYS A 86 14.22 -42.54 12.70
CA LYS A 86 14.83 -41.42 11.97
C LYS A 86 13.89 -40.88 10.89
N GLU A 87 13.04 -41.75 10.37
CA GLU A 87 12.10 -41.33 9.40
C GLU A 87 11.10 -40.39 10.04
N ARG A 88 10.74 -40.66 11.29
CA ARG A 88 9.79 -39.82 11.98
C ARG A 88 10.37 -38.45 12.33
N ALA A 89 11.68 -38.34 12.37
CA ALA A 89 12.34 -37.12 12.69
C ALA A 89 12.07 -36.28 11.48
N LEU A 90 12.21 -36.90 10.33
CA LEU A 90 11.97 -36.24 9.11
C LEU A 90 10.50 -35.86 9.02
N ILE A 91 9.63 -36.85 9.22
CA ILE A 91 8.21 -36.61 9.13
C ILE A 91 7.79 -35.51 10.08
N ASP A 92 8.34 -35.54 11.28
CA ASP A 92 8.03 -34.57 12.28
C ASP A 92 8.51 -33.20 11.85
N MET A 93 9.78 -33.09 11.52
CA MET A 93 10.32 -31.85 11.08
C MET A 93 9.61 -31.34 9.83
N TYR A 94 8.98 -32.21 9.06
CA TYR A 94 8.28 -31.78 7.85
C TYR A 94 6.82 -31.41 8.11
N SER A 95 6.18 -32.03 9.08
CA SER A 95 4.79 -31.70 9.39
C SER A 95 4.62 -30.34 10.06
N GLU A 96 5.48 -30.06 11.05
CA GLU A 96 5.47 -28.75 11.83
C GLU A 96 5.68 -27.50 10.99
N GLY A 97 6.59 -27.56 10.02
CA GLY A 97 6.81 -26.40 9.17
C GLY A 97 5.56 -26.27 8.34
N ILE A 98 4.92 -27.41 8.04
CA ILE A 98 3.65 -27.43 7.28
C ILE A 98 2.54 -26.88 8.17
N LEU A 99 2.64 -27.07 9.47
CA LEU A 99 1.63 -26.54 10.30
C LEU A 99 1.82 -25.03 10.42
N ASP A 100 3.08 -24.63 10.52
CA ASP A 100 3.45 -23.22 10.65
C ASP A 100 2.82 -22.34 9.57
N LEU A 101 3.21 -22.55 8.32
CA LEU A 101 2.64 -21.80 7.19
C LEU A 101 1.12 -21.86 7.20
N THR A 102 0.54 -23.02 7.52
CA THR A 102 -0.93 -23.15 7.57
C THR A 102 -1.52 -22.09 8.48
N GLU A 103 -1.03 -22.02 9.70
CA GLU A 103 -1.50 -21.06 10.62
C GLU A 103 -1.26 -19.67 10.06
N MET A 104 -0.07 -19.46 9.50
CA MET A 104 0.33 -18.18 8.94
C MET A 104 -0.74 -17.68 7.99
N ILE A 105 -1.20 -18.57 7.13
CA ILE A 105 -2.20 -18.22 6.21
C ILE A 105 -3.51 -17.96 6.94
N MET A 106 -3.85 -18.84 7.88
CA MET A 106 -5.06 -18.70 8.65
C MET A 106 -5.23 -17.28 9.16
N GLN A 107 -4.17 -16.79 9.78
CA GLN A 107 -4.15 -15.51 10.35
C GLN A 107 -4.69 -14.45 9.42
N LEU A 108 -4.32 -14.53 8.15
CA LEU A 108 -4.76 -13.57 7.17
C LEU A 108 -6.22 -13.18 7.30
N VAL A 109 -7.11 -14.17 7.46
CA VAL A 109 -8.54 -13.85 7.60
C VAL A 109 -8.97 -13.75 9.06
N ILE A 110 -8.08 -13.20 9.89
CA ILE A 110 -8.34 -13.07 11.28
C ILE A 110 -7.68 -11.81 11.86
N CYS A 111 -6.75 -11.23 11.09
CA CYS A 111 -6.01 -10.04 11.54
C CYS A 111 -6.70 -8.68 11.34
N PRO A 112 -6.23 -7.62 12.03
CA PRO A 112 -6.79 -6.28 11.93
C PRO A 112 -6.67 -5.80 10.49
N PRO A 113 -7.81 -5.55 9.82
CA PRO A 113 -7.86 -5.09 8.41
C PRO A 113 -6.80 -4.05 8.05
N ASP A 114 -6.41 -3.23 9.03
CA ASP A 114 -5.41 -2.22 8.83
C ASP A 114 -4.09 -2.83 8.32
N GLN A 115 -3.80 -4.04 8.77
CA GLN A 115 -2.55 -4.73 8.44
C GLN A 115 -2.61 -5.99 7.57
N LYS A 116 -3.73 -6.27 6.93
CA LYS A 116 -3.82 -7.49 6.14
C LYS A 116 -2.79 -7.54 5.00
N GLU A 117 -2.87 -6.58 4.09
CA GLU A 117 -1.99 -6.51 2.93
C GLU A 117 -0.53 -6.83 3.22
N ALA A 118 -0.04 -6.33 4.35
CA ALA A 118 1.34 -6.57 4.75
C ALA A 118 1.58 -8.01 5.20
N LYS A 119 0.67 -8.55 6.01
CA LYS A 119 0.80 -9.90 6.47
C LYS A 119 0.76 -10.84 5.28
N THR A 120 -0.17 -10.58 4.36
CA THR A 120 -0.35 -11.37 3.15
C THR A 120 0.94 -11.40 2.32
N ALA A 121 1.57 -10.25 2.18
CA ALA A 121 2.82 -10.15 1.42
C ALA A 121 3.89 -11.04 2.06
N LEU A 122 3.90 -11.05 3.39
CA LEU A 122 4.85 -11.84 4.14
C LEU A 122 4.56 -13.33 3.98
N ALA A 123 3.27 -13.68 4.02
CA ALA A 123 2.85 -15.02 3.87
C ALA A 123 3.23 -15.54 2.49
N LYS A 124 3.03 -14.71 1.47
CA LYS A 124 3.36 -15.09 0.09
C LYS A 124 4.88 -15.27 -0.05
N ASP A 125 5.62 -14.32 0.50
CA ASP A 125 7.03 -14.37 0.47
C ASP A 125 7.48 -15.69 1.09
N ARG A 126 7.06 -15.90 2.33
CA ARG A 126 7.39 -17.11 3.08
C ARG A 126 7.04 -18.37 2.31
N THR A 127 5.82 -18.41 1.77
CA THR A 127 5.37 -19.52 1.06
C THR A 127 6.31 -19.90 -0.07
N LYS A 128 6.58 -18.94 -0.94
CA LYS A 128 7.39 -19.22 -2.07
C LYS A 128 8.88 -19.12 -1.90
N ASN A 129 9.34 -18.45 -0.86
CA ASN A 129 10.76 -18.31 -0.71
C ASN A 129 11.29 -19.12 0.45
N ARG A 130 10.40 -19.77 1.20
CA ARG A 130 10.82 -20.56 2.33
C ARG A 130 10.26 -21.97 2.33
N TYR A 131 8.94 -22.08 2.45
CA TYR A 131 8.27 -23.37 2.51
C TYR A 131 8.31 -24.23 1.25
N LEU A 132 7.75 -23.72 0.16
CA LEU A 132 7.73 -24.48 -1.07
C LEU A 132 9.13 -24.96 -1.46
N PRO A 133 10.15 -24.09 -1.51
CA PRO A 133 11.48 -24.53 -1.89
C PRO A 133 11.98 -25.65 -0.98
N ALA A 134 11.58 -25.63 0.28
CA ALA A 134 12.00 -26.63 1.22
C ALA A 134 11.44 -28.00 0.86
N PHE A 135 10.15 -28.06 0.62
CA PHE A 135 9.55 -29.30 0.28
C PHE A 135 9.99 -29.73 -1.10
N GLU A 136 10.14 -28.77 -2.00
CA GLU A 136 10.57 -29.08 -3.30
C GLU A 136 11.96 -29.70 -3.19
N LYS A 137 12.79 -29.15 -2.30
CA LYS A 137 14.15 -29.66 -2.08
C LYS A 137 14.09 -31.13 -1.72
N VAL A 138 13.23 -31.45 -0.75
CA VAL A 138 13.04 -32.81 -0.31
C VAL A 138 12.69 -33.75 -1.47
N LEU A 139 11.76 -33.34 -2.32
CA LEU A 139 11.38 -34.17 -3.44
C LEU A 139 12.51 -34.30 -4.47
N LYS A 140 13.17 -33.20 -4.77
CA LYS A 140 14.24 -33.22 -5.75
C LYS A 140 15.41 -34.09 -5.29
N SER A 141 15.62 -34.17 -3.98
CA SER A 141 16.74 -34.95 -3.43
C SER A 141 16.71 -36.45 -3.65
N HIS A 142 15.51 -37.04 -3.71
CA HIS A 142 15.39 -38.49 -3.90
C HIS A 142 14.56 -38.94 -5.10
N GLY A 143 13.92 -37.99 -5.78
CA GLY A 143 13.14 -38.35 -6.94
C GLY A 143 12.04 -39.39 -6.77
N GLN A 144 11.79 -39.85 -5.55
CA GLN A 144 10.73 -40.84 -5.37
C GLN A 144 9.39 -40.12 -5.16
N ASP A 145 8.29 -40.86 -5.26
CA ASP A 145 6.97 -40.29 -5.13
C ASP A 145 6.53 -39.81 -3.75
N TYR A 146 7.09 -40.40 -2.70
CA TYR A 146 6.73 -40.02 -1.37
C TYR A 146 7.86 -39.23 -0.74
N LEU A 147 7.52 -38.33 0.16
CA LEU A 147 8.48 -37.48 0.85
C LEU A 147 9.47 -38.26 1.69
N VAL A 148 8.95 -39.21 2.44
CA VAL A 148 9.76 -39.98 3.31
C VAL A 148 9.53 -41.47 3.19
N GLY A 149 10.63 -42.22 3.21
CA GLY A 149 10.60 -43.67 3.14
C GLY A 149 10.07 -44.32 1.89
N ASN A 150 9.72 -43.52 0.89
CA ASN A 150 9.22 -44.04 -0.34
C ASN A 150 8.01 -44.91 -0.05
N LYS A 151 7.20 -44.47 0.91
CA LYS A 151 6.03 -45.13 1.30
C LYS A 151 5.15 -43.98 1.74
N LEU A 152 3.85 -44.12 1.58
CA LEU A 152 2.95 -43.08 1.97
C LEU A 152 2.97 -42.86 3.48
N THR A 153 3.06 -41.60 3.92
CA THR A 153 3.05 -41.27 5.33
C THR A 153 2.16 -40.06 5.56
N ARG A 154 1.98 -39.68 6.82
CA ARG A 154 1.14 -38.54 7.20
C ARG A 154 1.54 -37.18 6.60
N VAL A 155 2.84 -36.94 6.42
CA VAL A 155 3.29 -35.68 5.86
C VAL A 155 2.83 -35.55 4.43
N ASP A 156 2.80 -36.65 3.68
CA ASP A 156 2.35 -36.59 2.30
C ASP A 156 0.96 -36.00 2.28
N ILE A 157 0.13 -36.43 3.23
CA ILE A 157 -1.23 -35.97 3.37
C ILE A 157 -1.24 -34.53 3.84
N HIS A 158 -0.40 -34.24 4.83
CA HIS A 158 -0.31 -32.93 5.36
C HIS A 158 0.17 -31.95 4.28
N LEU A 159 1.09 -32.38 3.45
CA LEU A 159 1.62 -31.54 2.43
C LEU A 159 0.51 -31.26 1.44
N LEU A 160 -0.20 -32.30 1.03
CA LEU A 160 -1.29 -32.10 0.12
C LEU A 160 -2.23 -31.01 0.65
N GLU A 161 -2.73 -31.19 1.88
CA GLU A 161 -3.65 -30.24 2.50
C GLU A 161 -3.13 -28.80 2.40
N LEU A 162 -1.85 -28.60 2.71
CA LEU A 162 -1.24 -27.28 2.65
C LEU A 162 -1.25 -26.74 1.22
N LEU A 163 -0.88 -27.59 0.27
CA LEU A 163 -0.83 -27.19 -1.11
C LEU A 163 -2.22 -26.76 -1.56
N LEU A 164 -3.25 -27.43 -1.06
CA LEU A 164 -4.61 -27.09 -1.41
C LEU A 164 -4.96 -25.71 -0.88
N TYR A 165 -4.44 -25.39 0.29
CA TYR A 165 -4.71 -24.11 0.87
C TYR A 165 -3.90 -23.04 0.15
N VAL A 166 -2.67 -23.38 -0.23
CA VAL A 166 -1.87 -22.42 -0.95
C VAL A 166 -2.56 -22.13 -2.28
N GLU A 167 -3.15 -23.16 -2.88
CA GLU A 167 -3.87 -23.02 -4.13
C GLU A 167 -5.07 -22.10 -3.92
N GLU A 168 -5.69 -22.18 -2.74
CA GLU A 168 -6.81 -21.32 -2.43
C GLU A 168 -6.32 -19.91 -2.14
N PHE A 169 -5.13 -19.81 -1.56
CA PHE A 169 -4.54 -18.53 -1.26
C PHE A 169 -4.09 -17.76 -2.50
N ASP A 170 -3.13 -18.33 -3.22
CA ASP A 170 -2.59 -17.74 -4.44
C ASP A 170 -1.98 -18.85 -5.29
N ALA A 171 -2.78 -19.36 -6.21
CA ALA A 171 -2.38 -20.45 -7.10
C ALA A 171 -1.10 -20.25 -7.91
N SER A 172 -0.76 -19.01 -8.23
CA SER A 172 0.44 -18.74 -9.00
C SER A 172 1.71 -19.10 -8.21
N LEU A 173 1.58 -19.19 -6.88
CA LEU A 173 2.69 -19.52 -6.02
C LEU A 173 3.18 -20.94 -6.22
N LEU A 174 2.32 -21.80 -6.75
CA LEU A 174 2.67 -23.15 -6.96
C LEU A 174 3.19 -23.46 -8.35
N THR A 175 3.05 -22.51 -9.27
CA THR A 175 3.48 -22.79 -10.61
C THR A 175 4.98 -22.93 -10.90
N SER A 176 5.82 -22.60 -9.93
CA SER A 176 7.24 -22.75 -10.14
C SER A 176 7.82 -23.93 -9.35
N PHE A 177 6.96 -24.87 -8.95
CA PHE A 177 7.37 -26.04 -8.20
C PHE A 177 6.80 -27.29 -8.85
N PRO A 178 7.51 -27.79 -9.87
CA PRO A 178 7.20 -28.93 -10.64
C PRO A 178 6.85 -30.16 -9.84
N LEU A 179 7.84 -30.67 -9.13
CA LEU A 179 7.67 -31.83 -8.37
C LEU A 179 6.54 -31.67 -7.36
N LEU A 180 6.34 -30.45 -6.84
CA LEU A 180 5.28 -30.25 -5.89
C LEU A 180 3.96 -30.38 -6.61
N LYS A 181 3.90 -29.78 -7.79
CA LYS A 181 2.73 -29.83 -8.60
C LYS A 181 2.39 -31.28 -8.84
N ALA A 182 3.34 -32.02 -9.39
CA ALA A 182 3.15 -33.41 -9.67
C ALA A 182 2.72 -34.16 -8.43
N PHE A 183 3.38 -33.87 -7.31
CA PHE A 183 3.07 -34.50 -6.04
C PHE A 183 1.61 -34.32 -5.69
N LYS A 184 1.12 -33.09 -5.82
CA LYS A 184 -0.24 -32.77 -5.52
C LYS A 184 -1.20 -33.64 -6.31
N SER A 185 -0.89 -33.83 -7.59
CA SER A 185 -1.71 -34.65 -8.44
C SER A 185 -1.71 -36.08 -7.91
N ARG A 186 -0.51 -36.62 -7.71
CA ARG A 186 -0.38 -37.97 -7.25
C ARG A 186 -1.16 -38.26 -5.99
N ILE A 187 -0.91 -37.49 -4.95
CA ILE A 187 -1.59 -37.71 -3.69
C ILE A 187 -3.11 -37.52 -3.82
N SER A 188 -3.53 -36.47 -4.52
CA SER A 188 -4.91 -36.21 -4.73
C SER A 188 -5.58 -37.42 -5.37
N SER A 189 -4.85 -38.11 -6.24
CA SER A 189 -5.38 -39.24 -6.94
C SER A 189 -5.54 -40.51 -6.14
N LEU A 190 -4.96 -40.54 -4.95
CA LEU A 190 -5.09 -41.71 -4.12
C LEU A 190 -6.57 -41.92 -3.80
N PRO A 191 -7.13 -43.11 -4.04
CA PRO A 191 -8.55 -43.49 -3.80
C PRO A 191 -9.19 -42.86 -2.56
N ASN A 192 -8.54 -43.02 -1.41
CA ASN A 192 -9.04 -42.46 -0.14
C ASN A 192 -9.10 -40.94 -0.20
N VAL A 193 -8.00 -40.34 -0.66
CA VAL A 193 -7.92 -38.90 -0.75
C VAL A 193 -8.94 -38.35 -1.72
N LYS A 194 -9.01 -38.94 -2.91
CA LYS A 194 -9.94 -38.51 -3.93
C LYS A 194 -11.36 -38.47 -3.40
N LYS A 195 -11.76 -39.52 -2.71
CA LYS A 195 -13.08 -39.62 -2.16
C LYS A 195 -13.32 -38.43 -1.24
N PHE A 196 -12.36 -38.17 -0.36
CA PHE A 196 -12.46 -37.09 0.56
C PHE A 196 -12.57 -35.76 -0.16
N LEU A 197 -11.88 -35.62 -1.27
CA LEU A 197 -11.90 -34.38 -2.01
C LEU A 197 -13.19 -34.22 -2.78
N GLN A 198 -13.86 -35.34 -3.06
CA GLN A 198 -15.10 -35.29 -3.77
C GLN A 198 -16.12 -34.60 -2.86
N PRO A 199 -17.02 -33.80 -3.45
CA PRO A 199 -18.01 -33.10 -2.64
C PRO A 199 -18.89 -34.11 -1.91
N GLY A 200 -19.49 -33.67 -0.82
CA GLY A 200 -20.34 -34.56 -0.04
C GLY A 200 -19.60 -35.30 1.06
N SER A 201 -18.33 -34.96 1.28
CA SER A 201 -17.53 -35.60 2.32
C SER A 201 -17.43 -34.69 3.53
N GLN A 202 -16.69 -35.15 4.54
CA GLN A 202 -16.51 -34.40 5.78
C GLN A 202 -15.50 -33.25 5.68
N ARG A 203 -14.95 -33.00 4.49
CA ARG A 203 -14.01 -31.92 4.34
C ARG A 203 -14.76 -30.60 4.52
N LYS A 204 -14.25 -29.72 5.37
CA LYS A 204 -14.90 -28.44 5.64
C LYS A 204 -14.45 -27.34 4.67
N LEU A 205 -15.27 -26.32 4.53
CA LEU A 205 -14.96 -25.24 3.63
C LEU A 205 -14.09 -24.18 4.28
N PRO A 206 -13.42 -23.36 3.46
CA PRO A 206 -12.59 -22.34 4.00
C PRO A 206 -13.50 -21.28 4.61
N MET A 207 -12.94 -20.54 5.53
CA MET A 207 -13.65 -19.52 6.23
C MET A 207 -13.51 -18.13 5.63
N ASP A 208 -14.10 -17.16 6.34
CA ASP A 208 -14.10 -15.72 5.98
C ASP A 208 -15.50 -15.28 5.55
N ALA A 209 -15.81 -14.01 5.84
CA ALA A 209 -17.08 -13.38 5.51
C ALA A 209 -18.21 -14.24 6.08
N LYS A 210 -18.73 -15.14 5.25
CA LYS A 210 -19.80 -16.03 5.64
C LYS A 210 -19.44 -16.71 6.96
N GLN A 211 -18.27 -17.34 6.98
CA GLN A 211 -17.83 -18.00 8.15
C GLN A 211 -17.36 -17.04 9.23
N ILE A 212 -16.78 -15.91 8.84
CA ILE A 212 -16.29 -14.93 9.83
C ILE A 212 -17.43 -14.62 10.78
N GLU A 213 -18.58 -14.28 10.20
CA GLU A 213 -19.79 -13.95 10.94
C GLU A 213 -20.22 -15.07 11.91
N GLU A 214 -20.29 -16.29 11.40
CA GLU A 214 -20.71 -17.45 12.22
C GLU A 214 -19.73 -17.68 13.37
N ALA A 215 -18.50 -17.23 13.21
CA ALA A 215 -17.52 -17.38 14.24
C ALA A 215 -17.85 -16.44 15.38
N ARG A 216 -18.45 -15.30 15.00
CA ARG A 216 -18.82 -14.27 15.91
C ARG A 216 -19.99 -14.60 16.82
N LYS A 217 -20.17 -15.89 17.08
CA LYS A 217 -21.22 -16.37 17.93
C LYS A 217 -20.65 -17.45 18.83
N ILE A 218 -19.74 -18.27 18.31
CA ILE A 218 -19.16 -19.43 19.12
C ILE A 218 -17.65 -19.73 18.95
N PHE A 219 -17.22 -20.05 17.73
CA PHE A 219 -15.77 -20.42 17.43
C PHE A 219 -14.76 -19.46 18.04
N SER B 1 -11.18 10.02 -27.53
CA SER B 1 -10.86 11.48 -27.51
C SER B 1 -12.20 12.13 -27.24
N GLY B 2 -12.28 13.44 -27.46
CA GLY B 2 -13.52 14.17 -27.22
C GLY B 2 -13.63 14.42 -25.74
N LYS B 3 -13.82 13.35 -24.98
CA LYS B 3 -13.94 13.44 -23.58
C LYS B 3 -12.90 12.51 -22.95
N PRO B 4 -12.34 12.96 -21.82
CA PRO B 4 -11.35 12.21 -21.09
C PRO B 4 -12.10 11.13 -20.34
N VAL B 5 -11.50 9.95 -20.20
CA VAL B 5 -12.15 8.90 -19.49
C VAL B 5 -11.50 8.78 -18.13
N LEU B 6 -12.31 8.90 -17.09
CA LEU B 6 -11.84 8.80 -15.76
C LEU B 6 -12.01 7.37 -15.27
N HIS B 7 -10.96 6.81 -14.70
CA HIS B 7 -11.02 5.50 -14.21
C HIS B 7 -10.85 5.58 -12.70
N TYR B 8 -11.92 5.23 -11.99
CA TYR B 8 -11.91 5.24 -10.53
C TYR B 8 -13.19 4.58 -10.03
N PHE B 9 -13.30 4.42 -8.72
CA PHE B 9 -14.47 3.81 -8.11
C PHE B 9 -15.61 4.80 -8.02
N ASN B 10 -16.83 4.30 -7.79
CA ASN B 10 -17.95 5.18 -7.63
C ASN B 10 -17.70 5.70 -6.24
N ALA B 11 -16.88 6.75 -6.17
CA ALA B 11 -16.50 7.34 -4.94
C ALA B 11 -15.66 8.58 -5.26
N ARG B 12 -15.75 9.59 -4.40
CA ARG B 12 -15.00 10.83 -4.56
C ARG B 12 -13.50 10.54 -4.63
N GLY B 13 -12.93 10.23 -3.45
CA GLY B 13 -11.52 9.92 -3.34
C GLY B 13 -10.59 10.91 -4.02
N ARG B 14 -9.55 10.36 -4.64
CA ARG B 14 -8.56 11.15 -5.32
C ARG B 14 -9.09 11.71 -6.64
N MET B 15 -10.04 11.00 -7.24
CA MET B 15 -10.59 11.43 -8.51
C MET B 15 -11.56 12.61 -8.40
N GLU B 16 -12.24 12.75 -7.26
CA GLU B 16 -13.19 13.84 -7.05
C GLU B 16 -12.63 15.19 -7.46
N CYS B 17 -11.49 15.56 -6.87
CA CYS B 17 -10.86 16.82 -7.17
C CYS B 17 -10.55 16.95 -8.66
N ILE B 18 -10.29 15.82 -9.30
CA ILE B 18 -10.02 15.83 -10.69
C ILE B 18 -11.30 16.24 -11.40
N ARG B 19 -12.40 15.60 -11.02
CA ARG B 19 -13.69 15.89 -11.63
C ARG B 19 -14.14 17.33 -11.45
N PHE B 20 -14.07 17.81 -10.21
CA PHE B 20 -14.48 19.15 -9.90
C PHE B 20 -13.69 20.14 -10.76
N LEU B 21 -12.40 19.87 -10.91
CA LEU B 21 -11.56 20.71 -11.70
C LEU B 21 -12.05 20.69 -13.15
N LEU B 22 -12.45 19.51 -13.61
CA LEU B 22 -12.94 19.36 -14.95
C LEU B 22 -14.23 20.16 -15.15
N ALA B 23 -15.26 19.85 -14.37
CA ALA B 23 -16.56 20.52 -14.44
C ALA B 23 -16.39 22.03 -14.55
N ALA B 24 -15.66 22.59 -13.59
CA ALA B 24 -15.39 24.00 -13.55
C ALA B 24 -14.82 24.56 -14.83
N ALA B 25 -13.95 23.79 -15.49
CA ALA B 25 -13.31 24.24 -16.71
C ALA B 25 -14.23 24.27 -17.92
N GLY B 26 -15.40 23.63 -17.81
CA GLY B 26 -16.32 23.58 -18.93
C GLY B 26 -15.94 22.46 -19.89
N VAL B 27 -15.48 21.35 -19.32
CA VAL B 27 -15.07 20.20 -20.08
C VAL B 27 -15.93 19.00 -19.70
N GLU B 28 -16.50 18.34 -20.72
CA GLU B 28 -17.33 17.15 -20.51
C GLU B 28 -16.39 15.97 -20.38
N PHE B 29 -16.72 15.03 -19.48
CA PHE B 29 -15.87 13.86 -19.28
C PHE B 29 -16.63 12.55 -19.09
N ASP B 30 -15.99 11.45 -19.50
CA ASP B 30 -16.54 10.13 -19.38
C ASP B 30 -15.97 9.55 -18.10
N GLU B 31 -16.80 8.80 -17.37
CA GLU B 31 -16.37 8.22 -16.16
C GLU B 31 -16.50 6.69 -16.16
N LYS B 32 -15.40 5.99 -16.46
CA LYS B 32 -15.38 4.52 -16.47
C LYS B 32 -15.39 4.05 -15.03
N PHE B 33 -16.58 3.75 -14.51
CA PHE B 33 -16.75 3.33 -13.14
C PHE B 33 -16.25 1.95 -12.77
N ILE B 34 -15.33 1.91 -11.81
CA ILE B 34 -14.81 0.66 -11.30
C ILE B 34 -15.80 0.26 -10.21
N GLN B 35 -16.67 -0.69 -10.55
CA GLN B 35 -17.70 -1.15 -9.65
C GLN B 35 -17.44 -2.49 -8.96
N SER B 36 -16.37 -3.19 -9.35
CA SER B 36 -16.07 -4.47 -8.75
C SER B 36 -14.60 -4.86 -8.85
N PRO B 37 -14.13 -5.74 -7.94
CA PRO B 37 -12.75 -6.24 -7.89
C PRO B 37 -12.19 -6.56 -9.26
N GLU B 38 -12.87 -7.47 -9.97
CA GLU B 38 -12.45 -7.87 -11.28
C GLU B 38 -12.22 -6.69 -12.21
N ASP B 39 -13.09 -5.69 -12.15
CA ASP B 39 -12.96 -4.53 -12.99
C ASP B 39 -11.57 -3.95 -12.81
N LEU B 40 -11.16 -3.85 -11.55
CA LEU B 40 -9.85 -3.33 -11.23
C LEU B 40 -8.80 -4.27 -11.79
N GLU B 41 -8.95 -5.56 -11.53
CA GLU B 41 -8.02 -6.54 -11.99
C GLU B 41 -7.95 -6.61 -13.51
N LYS B 42 -9.07 -6.32 -14.16
CA LYS B 42 -9.16 -6.36 -15.62
C LYS B 42 -8.53 -5.12 -16.23
N LEU B 43 -8.83 -3.94 -15.66
CA LEU B 43 -8.26 -2.68 -16.16
C LEU B 43 -6.75 -2.85 -16.07
N LYS B 44 -6.32 -3.58 -15.03
CA LYS B 44 -4.96 -3.88 -14.82
C LYS B 44 -4.44 -4.73 -15.97
N LYS B 45 -5.12 -5.84 -16.27
CA LYS B 45 -4.70 -6.71 -17.36
C LYS B 45 -4.57 -5.91 -18.63
N ASP B 46 -5.44 -4.92 -18.80
CA ASP B 46 -5.40 -4.06 -19.97
C ASP B 46 -4.01 -3.46 -20.08
N GLY B 47 -3.43 -3.12 -18.94
CA GLY B 47 -2.09 -2.55 -18.90
C GLY B 47 -2.03 -1.04 -19.03
N ASN B 48 -3.15 -0.38 -18.81
CA ASN B 48 -3.21 1.07 -18.93
C ASN B 48 -2.95 1.81 -17.61
N LEU B 49 -2.54 1.08 -16.58
CA LEU B 49 -2.25 1.70 -15.29
C LEU B 49 -0.77 1.55 -15.02
N MET B 50 -0.01 2.63 -15.17
CA MET B 50 1.44 2.61 -14.96
C MET B 50 1.92 1.92 -13.67
N PHE B 51 1.22 2.15 -12.57
CA PHE B 51 1.58 1.55 -11.27
C PHE B 51 0.43 0.70 -10.74
N ASP B 52 -0.50 0.33 -11.62
CA ASP B 52 -1.66 -0.47 -11.24
C ASP B 52 -2.55 0.25 -10.23
N GLN B 53 -2.78 1.54 -10.46
CA GLN B 53 -3.60 2.32 -9.56
C GLN B 53 -4.39 3.42 -10.26
N VAL B 54 -5.41 3.91 -9.57
CA VAL B 54 -6.25 4.99 -10.07
C VAL B 54 -6.15 6.10 -9.04
N PRO B 55 -6.57 7.34 -9.31
CA PRO B 55 -7.15 7.82 -10.52
C PRO B 55 -6.28 7.60 -11.75
N MET B 56 -6.95 7.34 -12.87
CA MET B 56 -6.28 7.15 -14.10
C MET B 56 -7.19 7.85 -15.08
N VAL B 57 -6.60 8.70 -15.90
CA VAL B 57 -7.34 9.44 -16.83
C VAL B 57 -6.79 9.30 -18.24
N GLU B 58 -7.60 8.73 -19.12
CA GLU B 58 -7.25 8.56 -20.51
C GLU B 58 -7.51 9.92 -21.10
N ILE B 59 -6.44 10.63 -21.43
CA ILE B 59 -6.56 11.96 -21.98
C ILE B 59 -5.44 12.26 -22.98
N ASP B 60 -5.80 12.89 -24.10
CA ASP B 60 -4.86 13.26 -25.16
C ASP B 60 -3.88 12.13 -25.50
N GLY B 61 -4.43 10.96 -25.80
CA GLY B 61 -3.60 9.82 -26.15
C GLY B 61 -2.68 9.39 -25.03
N MET B 62 -3.03 9.77 -23.82
CA MET B 62 -2.28 9.42 -22.72
C MET B 62 -3.17 8.66 -21.76
N LYS B 63 -2.51 7.89 -20.90
CA LYS B 63 -3.17 7.13 -19.91
C LYS B 63 -2.52 7.69 -18.64
N LEU B 64 -2.99 8.86 -18.24
CA LEU B 64 -2.46 9.52 -17.10
C LEU B 64 -2.81 8.92 -15.76
N ALA B 65 -1.77 8.50 -15.04
CA ALA B 65 -1.94 7.96 -13.72
C ALA B 65 -1.32 8.97 -12.77
N GLN B 66 -1.69 8.89 -11.50
CA GLN B 66 -1.21 9.80 -10.48
C GLN B 66 -2.08 11.05 -10.47
N THR B 67 -2.93 11.12 -9.44
CA THR B 67 -3.88 12.21 -9.23
C THR B 67 -3.31 13.57 -9.56
N ARG B 68 -2.19 13.91 -8.94
CA ARG B 68 -1.56 15.20 -9.17
C ARG B 68 -1.14 15.37 -10.62
N ALA B 69 -0.55 14.33 -11.19
CA ALA B 69 -0.11 14.38 -12.57
C ALA B 69 -1.28 14.78 -13.45
N ILE B 70 -2.42 14.17 -13.19
CA ILE B 70 -3.63 14.40 -13.92
C ILE B 70 -4.13 15.84 -13.75
N LEU B 71 -4.22 16.30 -12.51
CA LEU B 71 -4.67 17.65 -12.22
C LEU B 71 -3.75 18.65 -12.89
N ASN B 72 -2.44 18.41 -12.79
CA ASN B 72 -1.47 19.29 -13.38
C ASN B 72 -1.67 19.44 -14.87
N TYR B 73 -1.88 18.32 -15.54
CA TYR B 73 -2.09 18.35 -16.93
C TYR B 73 -3.37 19.12 -17.26
N ILE B 74 -4.40 18.87 -16.47
CA ILE B 74 -5.68 19.51 -16.66
C ILE B 74 -5.58 21.03 -16.48
N ALA B 75 -5.11 21.45 -15.31
CA ALA B 75 -4.94 22.85 -14.99
C ALA B 75 -4.14 23.57 -16.07
N THR B 76 -3.06 22.92 -16.50
CA THR B 76 -2.22 23.46 -17.52
C THR B 76 -3.01 23.64 -18.82
N LYS B 77 -3.50 22.53 -19.36
CA LYS B 77 -4.23 22.52 -20.60
C LYS B 77 -5.29 23.61 -20.73
N TYR B 78 -6.08 23.78 -19.68
CA TYR B 78 -7.13 24.75 -19.69
C TYR B 78 -6.78 26.09 -19.08
N ASP B 79 -5.52 26.52 -19.25
CA ASP B 79 -5.04 27.82 -18.75
C ASP B 79 -5.49 28.18 -17.33
N LEU B 80 -5.79 27.16 -16.53
CA LEU B 80 -6.24 27.36 -15.15
C LEU B 80 -5.12 27.19 -14.14
N TYR B 81 -3.89 27.38 -14.62
CA TYR B 81 -2.76 27.24 -13.76
C TYR B 81 -1.87 28.48 -13.70
N GLY B 82 -2.46 29.62 -13.34
CA GLY B 82 -1.70 30.84 -13.23
C GLY B 82 -1.11 31.33 -14.54
N LYS B 83 -0.20 32.29 -14.48
CA LYS B 83 0.44 32.86 -15.69
C LYS B 83 1.97 32.80 -15.70
N ASP B 84 2.56 32.69 -14.52
CA ASP B 84 3.99 32.61 -14.43
C ASP B 84 4.34 31.58 -13.36
N MET B 85 5.57 31.07 -13.41
CA MET B 85 6.01 30.08 -12.45
C MET B 85 5.90 30.51 -11.00
N LYS B 86 5.91 31.81 -10.74
CA LYS B 86 5.79 32.27 -9.39
C LYS B 86 4.38 32.09 -8.86
N GLU B 87 3.40 32.26 -9.73
CA GLU B 87 2.01 32.09 -9.36
C GLU B 87 1.76 30.59 -9.15
N ARG B 88 2.36 29.76 -10.02
CA ARG B 88 2.21 28.32 -9.89
C ARG B 88 2.78 27.85 -8.57
N ALA B 89 3.90 28.44 -8.15
CA ALA B 89 4.54 28.09 -6.87
C ALA B 89 3.54 28.29 -5.74
N LEU B 90 2.87 29.44 -5.74
CA LEU B 90 1.87 29.76 -4.74
C LEU B 90 0.69 28.83 -4.87
N ILE B 91 0.26 28.60 -6.12
CA ILE B 91 -0.84 27.72 -6.43
C ILE B 91 -0.53 26.37 -5.82
N ASP B 92 0.73 25.95 -5.98
CA ASP B 92 1.17 24.71 -5.47
C ASP B 92 1.13 24.63 -3.95
N MET B 93 1.79 25.57 -3.29
CA MET B 93 1.82 25.58 -1.82
C MET B 93 0.41 25.50 -1.25
N TYR B 94 -0.47 26.32 -1.83
CA TYR B 94 -1.85 26.38 -1.41
C TYR B 94 -2.54 25.04 -1.61
N SER B 95 -2.48 24.56 -2.86
CA SER B 95 -3.11 23.28 -3.22
C SER B 95 -2.67 22.12 -2.32
N GLU B 96 -1.37 22.00 -2.10
CA GLU B 96 -0.85 20.96 -1.25
C GLU B 96 -1.44 21.08 0.13
N GLY B 97 -1.49 22.30 0.65
CA GLY B 97 -2.06 22.49 1.97
C GLY B 97 -3.45 21.87 1.97
N ILE B 98 -4.30 22.37 1.08
CA ILE B 98 -5.67 21.88 0.94
C ILE B 98 -5.66 20.37 0.80
N LEU B 99 -4.81 19.89 -0.11
CA LEU B 99 -4.68 18.50 -0.39
C LEU B 99 -4.44 17.70 0.88
N ASP B 100 -3.38 18.03 1.59
CA ASP B 100 -3.03 17.37 2.80
C ASP B 100 -4.21 17.39 3.76
N LEU B 101 -4.79 18.56 3.96
CA LEU B 101 -5.92 18.70 4.86
C LEU B 101 -7.03 17.76 4.44
N THR B 102 -7.29 17.71 3.14
CA THR B 102 -8.31 16.88 2.61
C THR B 102 -8.06 15.42 3.00
N GLU B 103 -6.81 14.98 2.84
CA GLU B 103 -6.43 13.61 3.18
C GLU B 103 -6.73 13.25 4.62
N MET B 104 -6.46 14.19 5.53
CA MET B 104 -6.70 14.00 6.94
C MET B 104 -8.19 13.76 7.17
N ILE B 105 -9.04 14.54 6.49
CA ILE B 105 -10.46 14.37 6.66
C ILE B 105 -10.94 13.05 6.06
N MET B 106 -10.24 12.54 5.06
CA MET B 106 -10.65 11.28 4.47
C MET B 106 -10.53 10.15 5.48
N GLN B 107 -9.31 9.95 5.97
CA GLN B 107 -9.02 8.90 6.95
C GLN B 107 -9.88 8.93 8.21
N LEU B 108 -10.77 9.92 8.33
CA LEU B 108 -11.63 10.05 9.49
C LEU B 108 -12.60 8.87 9.66
N VAL B 109 -12.75 8.08 8.60
CA VAL B 109 -13.63 6.91 8.66
C VAL B 109 -12.97 5.64 8.12
N ILE B 110 -11.64 5.58 8.15
CA ILE B 110 -10.89 4.39 7.64
C ILE B 110 -9.98 3.87 8.75
N CYS B 111 -10.04 4.54 9.89
CA CYS B 111 -9.25 4.22 11.07
C CYS B 111 -10.03 3.32 12.06
N PRO B 112 -9.44 2.92 13.21
CA PRO B 112 -10.12 2.05 14.24
C PRO B 112 -10.99 2.92 15.18
N PRO B 113 -12.33 2.99 14.94
CA PRO B 113 -13.41 3.74 15.68
C PRO B 113 -13.24 4.17 17.15
N ASP B 114 -12.50 3.40 17.93
CA ASP B 114 -12.28 3.77 19.34
C ASP B 114 -11.60 5.14 19.33
N GLN B 115 -10.71 5.29 18.35
CA GLN B 115 -9.94 6.49 18.13
C GLN B 115 -10.71 7.55 17.34
N LYS B 116 -11.89 7.18 16.83
CA LYS B 116 -12.72 8.09 16.03
C LYS B 116 -12.89 9.40 16.80
N GLU B 117 -13.32 9.28 18.05
CA GLU B 117 -13.53 10.44 18.93
C GLU B 117 -12.35 11.42 18.88
N ALA B 118 -11.14 10.89 18.70
CA ALA B 118 -9.92 11.71 18.68
C ALA B 118 -9.49 12.30 17.33
N LYS B 119 -9.33 11.45 16.33
CA LYS B 119 -8.87 11.91 14.99
C LYS B 119 -9.64 13.13 14.50
N THR B 120 -10.95 13.14 14.73
CA THR B 120 -11.78 14.24 14.33
C THR B 120 -11.28 15.49 15.05
N ALA B 121 -11.04 15.36 16.35
CA ALA B 121 -10.55 16.46 17.15
C ALA B 121 -9.29 17.00 16.50
N LEU B 122 -8.39 16.10 16.12
CA LEU B 122 -7.16 16.50 15.49
C LEU B 122 -7.48 17.34 14.26
N ALA B 123 -8.36 16.81 13.42
CA ALA B 123 -8.76 17.48 12.21
C ALA B 123 -9.31 18.89 12.49
N LYS B 124 -10.14 19.01 13.52
CA LYS B 124 -10.73 20.30 13.87
C LYS B 124 -9.67 21.32 14.22
N ASP B 125 -8.68 20.90 15.01
CA ASP B 125 -7.58 21.79 15.40
C ASP B 125 -6.89 22.27 14.14
N ARG B 126 -6.40 21.32 13.36
CA ARG B 126 -5.70 21.58 12.13
C ARG B 126 -6.47 22.52 11.21
N THR B 127 -7.79 22.52 11.34
CA THR B 127 -8.60 23.34 10.52
C THR B 127 -8.72 24.80 10.96
N LYS B 128 -9.32 25.05 12.14
CA LYS B 128 -9.51 26.44 12.60
C LYS B 128 -8.28 27.11 13.23
N ASN B 129 -7.16 26.41 13.24
CA ASN B 129 -5.94 26.95 13.80
C ASN B 129 -4.77 26.85 12.82
N ARG B 130 -5.02 26.25 11.65
CA ARG B 130 -3.97 26.07 10.67
C ARG B 130 -4.37 26.49 9.25
N TYR B 131 -5.07 25.63 8.54
CA TYR B 131 -5.46 25.91 7.14
C TYR B 131 -6.38 27.10 6.92
N LEU B 132 -7.60 27.04 7.46
CA LEU B 132 -8.53 28.14 7.29
C LEU B 132 -7.82 29.48 7.55
N PRO B 133 -7.16 29.64 8.72
CA PRO B 133 -6.46 30.87 9.04
C PRO B 133 -5.49 31.26 7.93
N ALA B 134 -4.73 30.28 7.45
CA ALA B 134 -3.78 30.54 6.40
C ALA B 134 -4.47 31.11 5.17
N PHE B 135 -5.54 30.48 4.71
CA PHE B 135 -6.23 30.96 3.54
C PHE B 135 -6.97 32.26 3.78
N GLU B 136 -7.41 32.46 5.03
CA GLU B 136 -8.10 33.66 5.42
C GLU B 136 -7.05 34.78 5.28
N LYS B 137 -5.86 34.52 5.82
CA LYS B 137 -4.76 35.47 5.77
C LYS B 137 -4.39 35.75 4.32
N VAL B 138 -4.37 34.71 3.49
CA VAL B 138 -4.05 34.86 2.08
C VAL B 138 -5.01 35.86 1.42
N LEU B 139 -6.28 35.76 1.79
CA LEU B 139 -7.32 36.63 1.23
C LEU B 139 -7.29 38.08 1.74
N LYS B 140 -7.16 38.25 3.05
CA LYS B 140 -7.14 39.59 3.65
C LYS B 140 -6.00 40.41 3.07
N SER B 141 -4.81 39.81 3.05
CA SER B 141 -3.59 40.44 2.56
C SER B 141 -3.63 41.12 1.16
N HIS B 142 -4.68 40.88 0.38
CA HIS B 142 -4.74 41.52 -0.93
C HIS B 142 -6.14 41.94 -1.36
N GLY B 143 -7.14 41.49 -0.62
CA GLY B 143 -8.51 41.85 -0.92
C GLY B 143 -8.99 41.60 -2.35
N GLN B 144 -8.64 40.43 -2.88
CA GLN B 144 -9.05 40.09 -4.21
C GLN B 144 -9.95 38.89 -4.10
N ASP B 145 -10.84 38.75 -5.06
CA ASP B 145 -11.77 37.67 -5.03
C ASP B 145 -11.17 36.31 -5.31
N TYR B 146 -9.99 36.28 -5.90
CA TYR B 146 -9.33 35.04 -6.21
C TYR B 146 -8.03 34.89 -5.42
N LEU B 147 -7.75 33.67 -4.99
CA LEU B 147 -6.57 33.33 -4.19
C LEU B 147 -5.19 33.74 -4.74
N VAL B 148 -4.98 33.49 -6.03
CA VAL B 148 -3.70 33.78 -6.64
C VAL B 148 -3.83 34.68 -7.86
N GLY B 149 -2.97 35.71 -7.90
CA GLY B 149 -2.93 36.64 -9.01
C GLY B 149 -4.22 37.30 -9.48
N ASN B 150 -5.23 37.32 -8.64
CA ASN B 150 -6.53 37.93 -8.98
C ASN B 150 -7.06 37.40 -10.30
N LYS B 151 -7.15 36.08 -10.40
CA LYS B 151 -7.64 35.40 -11.58
C LYS B 151 -8.07 34.03 -11.08
N LEU B 152 -9.20 33.54 -11.56
CA LEU B 152 -9.66 32.25 -11.12
C LEU B 152 -8.64 31.18 -11.49
N THR B 153 -8.26 30.36 -10.53
CA THR B 153 -7.31 29.28 -10.77
C THR B 153 -7.75 28.03 -10.03
N ARG B 154 -7.08 26.92 -10.34
CA ARG B 154 -7.38 25.63 -9.71
C ARG B 154 -7.52 25.67 -8.19
N VAL B 155 -6.60 26.35 -7.51
CA VAL B 155 -6.64 26.43 -6.06
C VAL B 155 -7.96 26.97 -5.55
N ASP B 156 -8.62 27.79 -6.34
CA ASP B 156 -9.90 28.34 -5.94
C ASP B 156 -10.88 27.17 -5.87
N ILE B 157 -10.91 26.36 -6.93
CA ILE B 157 -11.77 25.19 -7.00
C ILE B 157 -11.43 24.30 -5.83
N HIS B 158 -10.13 24.08 -5.66
CA HIS B 158 -9.64 23.26 -4.62
C HIS B 158 -10.12 23.78 -3.27
N LEU B 159 -9.92 25.06 -3.01
CA LEU B 159 -10.31 25.63 -1.79
C LEU B 159 -11.80 25.45 -1.58
N LEU B 160 -12.58 25.84 -2.58
CA LEU B 160 -14.02 25.73 -2.53
C LEU B 160 -14.43 24.34 -2.07
N GLU B 161 -13.97 23.33 -2.79
CA GLU B 161 -14.29 21.97 -2.49
C GLU B 161 -13.91 21.62 -1.04
N LEU B 162 -12.74 22.05 -0.61
CA LEU B 162 -12.28 21.79 0.73
C LEU B 162 -13.27 22.37 1.72
N LEU B 163 -13.70 23.59 1.47
CA LEU B 163 -14.66 24.28 2.34
C LEU B 163 -15.94 23.46 2.44
N LEU B 164 -16.38 22.92 1.30
CA LEU B 164 -17.57 22.12 1.25
C LEU B 164 -17.42 20.95 2.20
N TYR B 165 -16.23 20.35 2.19
CA TYR B 165 -15.95 19.24 3.05
C TYR B 165 -16.04 19.70 4.49
N VAL B 166 -15.48 20.86 4.75
CA VAL B 166 -15.49 21.42 6.06
C VAL B 166 -16.95 21.59 6.47
N GLU B 167 -17.76 22.06 5.53
CA GLU B 167 -19.17 22.27 5.77
C GLU B 167 -19.84 20.96 6.14
N GLU B 168 -19.54 19.91 5.39
CA GLU B 168 -20.10 18.60 5.66
C GLU B 168 -19.65 18.19 7.05
N PHE B 169 -18.34 18.15 7.21
CA PHE B 169 -17.73 17.79 8.45
C PHE B 169 -18.30 18.63 9.58
N ASP B 170 -18.69 19.85 9.25
CA ASP B 170 -19.27 20.77 10.20
C ASP B 170 -19.36 22.19 9.64
N ALA B 171 -20.58 22.61 9.31
CA ALA B 171 -20.79 23.96 8.77
C ALA B 171 -20.74 25.02 9.87
N SER B 172 -19.60 25.12 10.55
CA SER B 172 -19.43 26.08 11.61
C SER B 172 -17.97 26.49 11.84
N LEU B 173 -17.03 25.59 11.60
CA LEU B 173 -15.60 25.92 11.74
C LEU B 173 -15.37 27.15 10.88
N LEU B 174 -16.10 27.20 9.78
CA LEU B 174 -16.07 28.28 8.81
C LEU B 174 -16.40 29.67 9.37
N THR B 175 -17.29 29.71 10.34
CA THR B 175 -17.74 30.95 10.98
C THR B 175 -16.67 32.01 11.22
N SER B 176 -15.62 31.63 11.94
CA SER B 176 -14.54 32.55 12.24
C SER B 176 -13.80 33.05 10.99
N PHE B 177 -14.23 32.60 9.81
CA PHE B 177 -13.56 32.98 8.56
C PHE B 177 -14.38 33.77 7.57
N PRO B 178 -14.71 35.02 7.93
CA PRO B 178 -15.50 35.93 7.10
C PRO B 178 -15.13 36.01 5.61
N LEU B 179 -13.83 36.01 5.33
CA LEU B 179 -13.40 36.08 3.97
C LEU B 179 -13.64 34.76 3.27
N LEU B 180 -13.26 33.67 3.92
CA LEU B 180 -13.44 32.34 3.36
C LEU B 180 -14.91 32.10 2.99
N LYS B 181 -15.80 32.59 3.84
CA LYS B 181 -17.20 32.45 3.58
C LYS B 181 -17.58 33.28 2.35
N ALA B 182 -17.07 34.50 2.28
CA ALA B 182 -17.36 35.38 1.14
C ALA B 182 -16.91 34.72 -0.16
N PHE B 183 -15.78 34.01 -0.08
CA PHE B 183 -15.22 33.32 -1.24
C PHE B 183 -16.05 32.10 -1.65
N LYS B 184 -16.33 31.21 -0.70
CA LYS B 184 -17.11 30.00 -0.97
C LYS B 184 -18.34 30.32 -1.82
N SER B 185 -19.06 31.34 -1.39
CA SER B 185 -20.25 31.80 -2.06
C SER B 185 -19.92 32.31 -3.47
N ARG B 186 -18.98 33.25 -3.56
CA ARG B 186 -18.59 33.83 -4.84
C ARG B 186 -18.29 32.77 -5.88
N ILE B 187 -17.38 31.87 -5.51
CA ILE B 187 -16.98 30.81 -6.37
C ILE B 187 -18.18 29.92 -6.71
N SER B 188 -18.98 29.58 -5.70
CA SER B 188 -20.14 28.75 -5.90
C SER B 188 -21.08 29.32 -6.96
N SER B 189 -20.93 30.61 -7.25
CA SER B 189 -21.76 31.28 -8.23
C SER B 189 -21.33 31.12 -9.69
N LEU B 190 -20.06 30.76 -9.91
CA LEU B 190 -19.57 30.59 -11.28
C LEU B 190 -20.38 29.50 -11.98
N PRO B 191 -20.96 29.80 -13.17
CA PRO B 191 -21.79 28.87 -13.96
C PRO B 191 -21.40 27.40 -13.92
N ASN B 192 -20.18 27.08 -14.34
CA ASN B 192 -19.69 25.68 -14.36
C ASN B 192 -19.70 25.00 -13.00
N VAL B 193 -19.70 25.81 -11.95
CA VAL B 193 -19.69 25.30 -10.59
C VAL B 193 -21.11 25.04 -10.06
N LYS B 194 -21.96 26.06 -10.06
CA LYS B 194 -23.36 25.98 -9.60
C LYS B 194 -24.03 24.73 -10.18
N LYS B 195 -23.67 24.41 -11.41
CA LYS B 195 -24.20 23.26 -12.10
C LYS B 195 -23.69 21.94 -11.51
N PHE B 196 -22.36 21.81 -11.42
CA PHE B 196 -21.74 20.60 -10.88
C PHE B 196 -22.26 20.30 -9.48
N LEU B 197 -22.59 21.36 -8.75
CA LEU B 197 -23.10 21.22 -7.42
C LEU B 197 -24.59 20.89 -7.40
N GLN B 198 -25.18 20.85 -8.59
CA GLN B 198 -26.57 20.51 -8.73
C GLN B 198 -26.67 19.02 -9.02
N PRO B 199 -27.82 18.40 -8.70
CA PRO B 199 -28.11 16.97 -8.89
C PRO B 199 -27.93 16.41 -10.29
N GLY B 200 -27.94 15.08 -10.38
CA GLY B 200 -27.78 14.42 -11.67
C GLY B 200 -26.50 14.71 -12.40
N SER B 201 -25.46 15.11 -11.67
CA SER B 201 -24.17 15.42 -12.28
C SER B 201 -23.14 14.39 -11.84
N GLN B 202 -21.93 14.50 -12.38
CA GLN B 202 -20.85 13.56 -12.06
C GLN B 202 -20.18 13.76 -10.71
N ARG B 203 -20.78 14.61 -9.88
CA ARG B 203 -20.26 14.84 -8.56
C ARG B 203 -20.57 13.61 -7.71
N LYS B 204 -19.59 13.18 -6.93
CA LYS B 204 -19.79 12.00 -6.09
C LYS B 204 -20.36 12.31 -4.71
N LEU B 205 -20.86 11.27 -4.06
CA LEU B 205 -21.50 11.39 -2.76
C LEU B 205 -20.56 11.33 -1.54
N PRO B 206 -21.08 11.68 -0.35
CA PRO B 206 -20.33 11.69 0.91
C PRO B 206 -19.78 10.33 1.29
N MET B 207 -18.48 10.16 1.06
CA MET B 207 -17.70 8.91 1.35
C MET B 207 -18.48 7.77 2.01
N SER C 1 22.26 38.29 -6.47
CA SER C 1 22.88 36.93 -6.54
C SER C 1 21.73 35.93 -6.73
N GLY C 2 22.03 34.65 -6.49
CA GLY C 2 21.03 33.62 -6.63
C GLY C 2 21.35 32.48 -5.67
N LYS C 3 21.18 32.74 -4.38
CA LYS C 3 21.46 31.74 -3.35
C LYS C 3 20.22 31.43 -2.51
N PRO C 4 19.60 30.25 -2.66
CA PRO C 4 18.39 29.84 -1.90
C PRO C 4 18.72 29.39 -0.46
N VAL C 5 17.73 29.48 0.43
CA VAL C 5 17.90 29.09 1.83
C VAL C 5 16.93 27.98 2.24
N LEU C 6 17.46 26.82 2.62
CA LEU C 6 16.65 25.68 3.02
C LEU C 6 16.47 25.52 4.52
N HIS C 7 15.22 25.52 4.96
CA HIS C 7 14.93 25.37 6.35
C HIS C 7 14.42 23.98 6.60
N TYR C 8 15.21 23.21 7.35
CA TYR C 8 14.85 21.87 7.67
C TYR C 8 15.74 21.31 8.76
N PHE C 9 15.31 20.19 9.31
CA PHE C 9 16.03 19.54 10.35
C PHE C 9 17.34 19.04 9.75
N ASN C 10 18.31 18.74 10.60
CA ASN C 10 19.58 18.23 10.12
C ASN C 10 19.37 16.77 9.75
N ALA C 11 18.77 16.55 8.59
CA ALA C 11 18.48 15.22 8.12
C ALA C 11 17.90 15.23 6.72
N ARG C 12 17.67 14.02 6.17
CA ARG C 12 17.13 13.86 4.86
C ARG C 12 15.67 14.26 4.77
N GLY C 13 14.81 13.45 5.36
CA GLY C 13 13.38 13.71 5.36
C GLY C 13 12.84 14.01 3.98
N ARG C 14 11.98 15.04 3.91
CA ARG C 14 11.38 15.44 2.65
C ARG C 14 12.24 16.49 1.94
N MET C 15 13.22 17.02 2.65
CA MET C 15 14.09 18.04 2.09
C MET C 15 15.22 17.47 1.21
N GLU C 16 15.51 16.18 1.38
CA GLU C 16 16.59 15.55 0.62
C GLU C 16 16.47 15.65 -0.90
N CYS C 17 15.27 15.40 -1.43
CA CYS C 17 15.05 15.45 -2.85
C CYS C 17 15.30 16.85 -3.38
N ILE C 18 14.97 17.83 -2.56
CA ILE C 18 15.14 19.21 -2.90
C ILE C 18 16.63 19.53 -2.99
N ARG C 19 17.37 19.19 -1.94
CA ARG C 19 18.80 19.41 -1.90
C ARG C 19 19.40 18.71 -3.10
N PHE C 20 18.98 17.46 -3.29
CA PHE C 20 19.46 16.67 -4.35
C PHE C 20 19.24 17.32 -5.70
N LEU C 21 18.02 17.81 -5.91
CA LEU C 21 17.69 18.45 -7.14
C LEU C 21 18.54 19.70 -7.35
N LEU C 22 18.64 20.53 -6.32
CA LEU C 22 19.42 21.75 -6.39
C LEU C 22 20.85 21.46 -6.78
N ALA C 23 21.45 20.50 -6.10
CA ALA C 23 22.79 20.11 -6.36
C ALA C 23 22.91 19.67 -7.82
N ALA C 24 22.00 18.81 -8.27
CA ALA C 24 22.02 18.34 -9.65
C ALA C 24 21.98 19.52 -10.61
N ALA C 25 21.18 20.50 -10.26
CA ALA C 25 21.02 21.67 -11.04
C ALA C 25 22.26 22.55 -11.03
N GLY C 26 23.18 22.26 -10.11
CA GLY C 26 24.39 23.04 -10.01
C GLY C 26 24.14 24.35 -9.28
N VAL C 27 23.14 24.34 -8.39
CA VAL C 27 22.76 25.50 -7.61
C VAL C 27 23.29 25.43 -6.17
N GLU C 28 24.17 26.36 -5.80
CA GLU C 28 24.71 26.38 -4.45
C GLU C 28 23.63 26.90 -3.52
N PHE C 29 23.43 26.23 -2.39
CA PHE C 29 22.40 26.65 -1.45
C PHE C 29 22.88 26.74 0.00
N ASP C 30 22.06 27.38 0.84
CA ASP C 30 22.37 27.54 2.26
C ASP C 30 21.39 26.69 3.04
N GLU C 31 21.75 26.31 4.25
CA GLU C 31 20.90 25.51 5.06
C GLU C 31 20.66 26.02 6.48
N LYS C 32 19.41 26.38 6.76
CA LYS C 32 19.05 26.84 8.05
C LYS C 32 18.47 25.65 8.77
N PHE C 33 19.35 24.94 9.47
CA PHE C 33 18.98 23.77 10.18
C PHE C 33 18.33 23.85 11.53
N ILE C 34 17.19 23.19 11.66
CA ILE C 34 16.49 23.17 12.89
C ILE C 34 17.20 22.13 13.72
N GLN C 35 17.74 22.57 14.85
CA GLN C 35 18.45 21.70 15.73
C GLN C 35 17.71 21.53 17.05
N SER C 36 17.39 22.64 17.71
CA SER C 36 16.67 22.58 18.97
C SER C 36 15.22 23.00 18.77
N PRO C 37 14.26 22.42 19.51
CA PRO C 37 12.84 22.76 19.39
C PRO C 37 12.57 24.26 19.30
N GLU C 38 13.38 25.05 20.01
CA GLU C 38 13.24 26.53 20.01
C GLU C 38 13.30 27.11 18.59
N ASP C 39 14.21 26.58 17.78
CA ASP C 39 14.42 27.03 16.37
C ASP C 39 13.14 26.92 15.56
N LEU C 40 12.47 25.78 15.69
CA LEU C 40 11.25 25.53 14.98
C LEU C 40 10.21 26.59 15.28
N GLU C 41 9.85 26.73 16.56
CA GLU C 41 8.85 27.70 16.96
C GLU C 41 9.30 29.12 16.61
N LYS C 42 10.60 29.38 16.66
CA LYS C 42 11.14 30.71 16.30
C LYS C 42 10.77 30.99 14.85
N LEU C 43 10.92 29.96 14.02
CA LEU C 43 10.60 30.04 12.62
C LEU C 43 9.10 30.18 12.41
N LYS C 44 8.34 29.38 13.15
CA LYS C 44 6.90 29.40 13.05
C LYS C 44 6.38 30.80 13.35
N LYS C 45 6.73 31.27 14.56
CA LYS C 45 6.31 32.58 15.06
C LYS C 45 6.64 33.82 14.26
N ASP C 46 7.73 33.81 13.49
CA ASP C 46 8.02 34.98 12.69
C ASP C 46 7.19 34.92 11.39
N GLY C 47 6.19 34.04 11.38
CA GLY C 47 5.31 33.90 10.23
C GLY C 47 6.04 33.44 9.00
N ASN C 48 7.13 32.70 9.22
CA ASN C 48 7.94 32.19 8.13
C ASN C 48 7.34 30.97 7.43
N LEU C 49 6.43 30.27 8.11
CA LEU C 49 5.82 29.07 7.55
C LEU C 49 4.31 29.24 7.38
N MET C 50 3.83 29.12 6.14
CA MET C 50 2.42 29.25 5.85
C MET C 50 1.60 28.23 6.63
N PHE C 51 1.88 26.96 6.41
CA PHE C 51 1.17 25.90 7.10
C PHE C 51 1.97 25.43 8.31
N ASP C 52 2.80 26.33 8.84
CA ASP C 52 3.67 26.07 10.02
C ASP C 52 4.42 24.73 10.02
N GLN C 53 4.95 24.38 8.85
CA GLN C 53 5.68 23.17 8.66
C GLN C 53 6.81 23.41 7.66
N VAL C 54 7.76 22.49 7.62
CA VAL C 54 8.85 22.54 6.71
C VAL C 54 8.79 21.21 5.97
N PRO C 55 9.49 20.98 4.87
CA PRO C 55 10.40 21.86 4.16
C PRO C 55 9.85 23.26 3.92
N MET C 56 10.74 24.23 3.85
CA MET C 56 10.41 25.61 3.58
C MET C 56 11.71 26.19 3.08
N VAL C 57 11.63 26.82 1.91
CA VAL C 57 12.79 27.39 1.29
C VAL C 57 12.58 28.86 0.92
N GLU C 58 13.56 29.68 1.28
CA GLU C 58 13.55 31.10 0.97
C GLU C 58 14.16 31.27 -0.40
N ILE C 59 13.33 31.50 -1.41
CA ILE C 59 13.84 31.67 -2.77
C ILE C 59 13.03 32.72 -3.53
N ASP C 60 13.75 33.51 -4.34
CA ASP C 60 13.17 34.59 -5.18
C ASP C 60 12.07 35.40 -4.47
N GLY C 61 12.38 35.91 -3.28
CA GLY C 61 11.44 36.69 -2.52
C GLY C 61 10.42 35.88 -1.75
N MET C 62 10.14 34.68 -2.23
CA MET C 62 9.19 33.82 -1.59
C MET C 62 9.77 33.00 -0.45
N LYS C 63 8.90 32.62 0.46
CA LYS C 63 9.22 31.79 1.57
C LYS C 63 8.28 30.62 1.28
N LEU C 64 8.68 29.78 0.32
CA LEU C 64 7.87 28.65 -0.12
C LEU C 64 7.83 27.42 0.77
N ALA C 65 6.62 26.94 1.01
CA ALA C 65 6.38 25.77 1.80
C ALA C 65 5.90 24.69 0.83
N GLN C 66 5.80 23.47 1.33
CA GLN C 66 5.32 22.31 0.54
C GLN C 66 6.33 21.77 -0.48
N THR C 67 6.95 20.65 -0.13
CA THR C 67 7.97 19.97 -0.96
C THR C 67 7.71 19.98 -2.48
N ARG C 68 6.55 19.46 -2.88
CA ARG C 68 6.21 19.42 -4.28
C ARG C 68 6.26 20.80 -4.92
N ALA C 69 5.70 21.78 -4.22
CA ALA C 69 5.68 23.12 -4.72
C ALA C 69 7.13 23.56 -4.96
N ILE C 70 7.98 23.33 -3.96
CA ILE C 70 9.36 23.68 -4.05
C ILE C 70 9.98 23.02 -5.28
N LEU C 71 9.81 21.70 -5.37
CA LEU C 71 10.36 20.94 -6.44
C LEU C 71 9.99 21.51 -7.80
N ASN C 72 8.70 21.69 -8.01
CA ASN C 72 8.19 22.22 -9.27
C ASN C 72 8.86 23.53 -9.65
N TYR C 73 8.90 24.48 -8.71
CA TYR C 73 9.51 25.78 -8.97
C TYR C 73 10.96 25.63 -9.40
N ILE C 74 11.72 24.82 -8.68
CA ILE C 74 13.12 24.62 -9.01
C ILE C 74 13.32 24.03 -10.39
N ALA C 75 12.61 22.93 -10.67
CA ALA C 75 12.70 22.28 -11.95
C ALA C 75 12.46 23.30 -13.04
N THR C 76 11.33 24.00 -12.93
CA THR C 76 10.98 25.00 -13.88
C THR C 76 12.10 26.01 -14.03
N LYS C 77 12.46 26.64 -12.93
CA LYS C 77 13.49 27.68 -12.92
C LYS C 77 14.82 27.24 -13.53
N TYR C 78 15.22 26.01 -13.28
CA TYR C 78 16.46 25.54 -13.78
C TYR C 78 16.28 24.65 -14.98
N ASP C 79 15.14 24.81 -15.66
CA ASP C 79 14.80 24.04 -16.87
C ASP C 79 14.99 22.53 -16.77
N LEU C 80 14.40 21.92 -15.76
CA LEU C 80 14.52 20.51 -15.57
C LEU C 80 13.13 19.86 -15.56
N TYR C 81 12.16 20.59 -16.10
CA TYR C 81 10.82 20.10 -16.12
C TYR C 81 10.37 19.82 -17.54
N GLY C 82 11.18 19.08 -18.29
CA GLY C 82 10.82 18.77 -19.65
C GLY C 82 10.74 20.07 -20.43
N LYS C 83 10.01 20.06 -21.54
CA LYS C 83 9.90 21.23 -22.36
C LYS C 83 8.47 21.57 -22.76
N ASP C 84 7.51 20.71 -22.41
CA ASP C 84 6.13 20.96 -22.74
C ASP C 84 5.17 20.20 -21.84
N MET C 85 3.91 20.61 -21.84
CA MET C 85 2.85 20.00 -21.01
C MET C 85 2.89 18.49 -20.92
N LYS C 86 2.80 17.83 -22.07
CA LYS C 86 2.81 16.38 -22.15
C LYS C 86 4.01 15.75 -21.46
N GLU C 87 5.19 16.35 -21.67
CA GLU C 87 6.39 15.86 -21.04
C GLU C 87 6.34 16.05 -19.53
N ARG C 88 5.77 17.18 -19.10
CA ARG C 88 5.65 17.48 -17.71
C ARG C 88 4.73 16.49 -17.04
N ALA C 89 3.64 16.13 -17.72
CA ALA C 89 2.70 15.17 -17.19
C ALA C 89 3.41 13.85 -16.93
N LEU C 90 4.22 13.41 -17.89
CA LEU C 90 4.96 12.16 -17.74
C LEU C 90 5.87 12.28 -16.53
N ILE C 91 6.67 13.34 -16.53
CA ILE C 91 7.58 13.59 -15.46
C ILE C 91 6.85 13.58 -14.14
N ASP C 92 5.64 14.13 -14.13
CA ASP C 92 4.85 14.16 -12.94
C ASP C 92 4.48 12.75 -12.51
N MET C 93 3.90 11.99 -13.43
CA MET C 93 3.49 10.63 -13.14
C MET C 93 4.67 9.83 -12.60
N TYR C 94 5.80 9.91 -13.30
CA TYR C 94 6.99 9.21 -12.90
C TYR C 94 7.40 9.67 -11.52
N SER C 95 7.44 10.99 -11.35
CA SER C 95 7.82 11.59 -10.10
C SER C 95 7.00 11.11 -8.93
N GLU C 96 5.68 10.98 -9.15
CA GLU C 96 4.81 10.53 -8.12
C GLU C 96 5.04 9.08 -7.77
N GLY C 97 5.26 8.25 -8.78
CA GLY C 97 5.53 6.85 -8.54
C GLY C 97 6.77 6.73 -7.68
N ILE C 98 7.76 7.55 -7.96
CA ILE C 98 9.01 7.57 -7.20
C ILE C 98 8.80 8.05 -5.76
N LEU C 99 7.93 9.04 -5.58
CA LEU C 99 7.65 9.58 -4.26
C LEU C 99 6.83 8.61 -3.40
N ASP C 100 6.04 7.76 -4.06
CA ASP C 100 5.22 6.76 -3.36
C ASP C 100 6.06 5.66 -2.68
N LEU C 101 7.03 5.13 -3.43
CA LEU C 101 7.89 4.07 -2.93
C LEU C 101 8.85 4.58 -1.86
N THR C 102 9.39 5.77 -2.09
CA THR C 102 10.30 6.37 -1.15
C THR C 102 9.62 6.38 0.21
N GLU C 103 8.38 6.88 0.23
CA GLU C 103 7.62 6.97 1.44
C GLU C 103 7.45 5.61 2.09
N MET C 104 7.08 4.60 1.30
CA MET C 104 6.90 3.24 1.81
C MET C 104 8.19 2.81 2.49
N ILE C 105 9.29 2.95 1.77
CA ILE C 105 10.54 2.57 2.28
C ILE C 105 10.82 3.30 3.59
N MET C 106 10.24 4.49 3.74
CA MET C 106 10.43 5.26 4.92
C MET C 106 9.55 4.89 6.10
N GLN C 107 8.29 4.54 5.86
CA GLN C 107 7.42 4.14 6.96
C GLN C 107 7.98 2.89 7.63
N LEU C 108 8.88 2.22 6.92
CA LEU C 108 9.54 1.05 7.43
C LEU C 108 10.35 1.49 8.64
N VAL C 109 11.09 2.57 8.48
CA VAL C 109 11.91 3.09 9.54
C VAL C 109 11.11 3.96 10.51
N ILE C 110 9.78 3.80 10.52
CA ILE C 110 8.92 4.59 11.41
C ILE C 110 7.80 3.75 12.00
N CYS C 111 7.48 2.66 11.33
CA CYS C 111 6.41 1.79 11.76
C CYS C 111 6.74 0.96 12.98
N PRO C 112 5.70 0.54 13.72
CA PRO C 112 5.88 -0.27 14.92
C PRO C 112 6.69 -1.52 14.58
N PRO C 113 7.76 -1.78 15.34
CA PRO C 113 8.67 -2.96 15.15
C PRO C 113 7.91 -4.27 15.17
N ASP C 114 6.76 -4.22 15.84
CA ASP C 114 5.87 -5.33 16.00
C ASP C 114 5.49 -5.93 14.65
N GLN C 115 5.38 -5.05 13.65
CA GLN C 115 5.02 -5.48 12.33
C GLN C 115 5.91 -4.90 11.23
N LYS C 116 7.09 -4.41 11.62
CA LYS C 116 8.02 -3.86 10.64
C LYS C 116 8.36 -4.90 9.59
N GLU C 117 8.54 -6.14 10.06
CA GLU C 117 8.89 -7.27 9.18
C GLU C 117 7.97 -7.52 7.98
N ALA C 118 6.66 -7.51 8.23
CA ALA C 118 5.68 -7.75 7.16
C ALA C 118 5.64 -6.61 6.16
N LYS C 119 5.83 -5.39 6.68
CA LYS C 119 5.83 -4.21 5.87
C LYS C 119 7.01 -4.23 4.90
N THR C 120 8.18 -4.59 5.40
CA THR C 120 9.39 -4.70 4.58
C THR C 120 9.10 -5.58 3.38
N ALA C 121 8.50 -6.74 3.65
CA ALA C 121 8.15 -7.68 2.60
C ALA C 121 7.28 -7.01 1.55
N LEU C 122 6.27 -6.25 2.00
CA LEU C 122 5.39 -5.56 1.09
C LEU C 122 6.16 -4.51 0.31
N ALA C 123 7.04 -3.79 0.98
CA ALA C 123 7.82 -2.77 0.35
C ALA C 123 8.74 -3.39 -0.68
N LYS C 124 9.33 -4.54 -0.34
CA LYS C 124 10.21 -5.20 -1.24
C LYS C 124 9.43 -5.70 -2.45
N ASP C 125 8.22 -6.21 -2.21
CA ASP C 125 7.37 -6.73 -3.28
C ASP C 125 7.08 -5.62 -4.28
N ARG C 126 6.54 -4.52 -3.78
CA ARG C 126 6.21 -3.39 -4.62
C ARG C 126 7.44 -2.96 -5.43
N THR C 127 8.59 -2.87 -4.76
CA THR C 127 9.81 -2.47 -5.38
C THR C 127 10.13 -3.25 -6.66
N LYS C 128 10.31 -4.56 -6.53
CA LYS C 128 10.67 -5.38 -7.67
C LYS C 128 9.54 -5.81 -8.59
N ASN C 129 8.29 -5.75 -8.12
CA ASN C 129 7.18 -6.18 -8.94
C ASN C 129 6.31 -5.08 -9.50
N ARG C 130 6.56 -3.84 -9.08
CA ARG C 130 5.77 -2.75 -9.55
C ARG C 130 6.60 -1.55 -9.97
N TYR C 131 7.36 -0.99 -9.03
CA TYR C 131 8.14 0.17 -9.32
C TYR C 131 9.31 -0.01 -10.27
N LEU C 132 10.32 -0.78 -9.87
CA LEU C 132 11.48 -1.00 -10.74
C LEU C 132 11.01 -1.44 -12.12
N PRO C 133 10.10 -2.43 -12.22
CA PRO C 133 9.63 -2.88 -13.50
C PRO C 133 9.11 -1.71 -14.34
N ALA C 134 8.18 -0.94 -13.78
CA ALA C 134 7.62 0.21 -14.48
C ALA C 134 8.70 1.14 -15.04
N PHE C 135 9.69 1.48 -14.22
CA PHE C 135 10.75 2.37 -14.66
C PHE C 135 11.70 1.69 -15.63
N GLU C 136 11.78 0.37 -15.54
CA GLU C 136 12.63 -0.38 -16.45
C GLU C 136 11.89 -0.38 -17.78
N LYS C 137 10.58 -0.53 -17.72
CA LYS C 137 9.73 -0.54 -18.89
C LYS C 137 9.90 0.77 -19.63
N VAL C 138 9.87 1.87 -18.89
CA VAL C 138 10.04 3.18 -19.45
C VAL C 138 11.35 3.26 -20.22
N LEU C 139 12.44 2.81 -19.59
CA LEU C 139 13.73 2.84 -20.22
C LEU C 139 13.80 2.00 -21.48
N LYS C 140 13.10 0.87 -21.49
CA LYS C 140 13.11 -0.01 -22.64
C LYS C 140 12.26 0.51 -23.81
N SER C 141 11.07 1.00 -23.52
CA SER C 141 10.13 1.51 -24.55
C SER C 141 10.69 2.48 -25.60
N HIS C 142 11.57 3.38 -25.19
CA HIS C 142 12.14 4.34 -26.13
C HIS C 142 13.63 4.19 -26.36
N GLY C 143 14.27 3.38 -25.52
CA GLY C 143 15.70 3.15 -25.64
C GLY C 143 16.59 4.39 -25.54
N GLN C 144 16.07 5.47 -24.96
CA GLN C 144 16.84 6.73 -24.80
C GLN C 144 17.61 6.76 -23.48
N ASP C 145 18.64 7.59 -23.41
CA ASP C 145 19.51 7.72 -22.20
C ASP C 145 18.90 8.37 -20.95
N TYR C 146 17.77 9.07 -21.13
CA TYR C 146 17.09 9.73 -20.02
C TYR C 146 15.61 9.36 -20.01
N LEU C 147 14.99 9.46 -18.85
CA LEU C 147 13.57 9.14 -18.69
C LEU C 147 12.63 9.86 -19.66
N VAL C 148 12.82 11.16 -19.81
CA VAL C 148 11.99 12.00 -20.69
C VAL C 148 12.79 12.96 -21.59
N GLY C 149 12.45 12.97 -22.87
CA GLY C 149 13.08 13.85 -23.85
C GLY C 149 14.59 13.83 -24.05
N ASN C 150 15.21 12.67 -23.82
CA ASN C 150 16.68 12.50 -23.97
C ASN C 150 17.49 13.70 -23.49
N LYS C 151 17.03 14.29 -22.39
CA LYS C 151 17.69 15.39 -21.78
C LYS C 151 17.42 15.13 -20.32
N LEU C 152 18.33 15.57 -19.46
CA LEU C 152 18.13 15.36 -18.05
C LEU C 152 16.97 16.21 -17.51
N THR C 153 16.04 15.57 -16.82
CA THR C 153 14.94 16.28 -16.23
C THR C 153 14.99 15.94 -14.76
N ARG C 154 14.08 16.54 -14.00
CA ARG C 154 14.02 16.32 -12.64
C ARG C 154 13.80 14.85 -12.30
N VAL C 155 12.96 14.14 -13.06
CA VAL C 155 12.68 12.71 -12.73
C VAL C 155 13.92 11.83 -12.73
N ASP C 156 14.87 12.13 -13.61
CA ASP C 156 16.09 11.34 -13.67
C ASP C 156 16.81 11.35 -12.33
N ILE C 157 16.86 12.53 -11.72
CA ILE C 157 17.48 12.71 -10.43
C ILE C 157 16.64 12.00 -9.38
N HIS C 158 15.33 12.21 -9.45
CA HIS C 158 14.41 11.62 -8.50
C HIS C 158 14.51 10.11 -8.53
N LEU C 159 14.64 9.55 -9.73
CA LEU C 159 14.75 8.16 -9.88
C LEU C 159 16.05 7.69 -9.26
N LEU C 160 17.15 8.34 -9.64
CA LEU C 160 18.48 8.00 -9.09
C LEU C 160 18.44 7.95 -7.56
N GLU C 161 17.84 8.98 -6.96
CA GLU C 161 17.72 9.06 -5.53
C GLU C 161 17.03 7.81 -4.97
N LEU C 162 15.90 7.44 -5.56
CA LEU C 162 15.18 6.27 -5.12
C LEU C 162 16.06 5.04 -5.29
N LEU C 163 16.81 4.99 -6.39
CA LEU C 163 17.70 3.87 -6.67
C LEU C 163 18.72 3.74 -5.54
N LEU C 164 19.41 4.85 -5.22
CA LEU C 164 20.39 4.83 -4.16
C LEU C 164 19.71 4.41 -2.86
N TYR C 165 18.45 4.79 -2.73
CA TYR C 165 17.65 4.47 -1.57
C TYR C 165 17.36 2.98 -1.53
N VAL C 166 17.06 2.40 -2.70
CA VAL C 166 16.76 0.99 -2.75
C VAL C 166 18.05 0.19 -2.53
N GLU C 167 19.18 0.74 -2.99
CA GLU C 167 20.44 0.10 -2.82
C GLU C 167 20.79 0.01 -1.35
N GLU C 168 20.43 1.04 -0.61
CA GLU C 168 20.69 1.07 0.82
C GLU C 168 19.72 0.13 1.56
N PHE C 169 18.49 0.03 1.07
CA PHE C 169 17.46 -0.83 1.66
C PHE C 169 17.77 -2.31 1.38
N ASP C 170 18.16 -2.59 0.15
CA ASP C 170 18.48 -3.93 -0.32
C ASP C 170 18.90 -3.85 -1.79
N ALA C 171 20.21 -3.77 -2.03
CA ALA C 171 20.73 -3.70 -3.37
C ALA C 171 20.41 -4.92 -4.23
N SER C 172 20.18 -6.07 -3.61
CA SER C 172 19.87 -7.27 -4.36
C SER C 172 18.62 -7.09 -5.22
N LEU C 173 17.82 -6.07 -4.88
CA LEU C 173 16.59 -5.78 -5.60
C LEU C 173 16.77 -5.13 -6.98
N LEU C 174 17.90 -4.45 -7.17
CA LEU C 174 18.20 -3.78 -8.45
C LEU C 174 18.56 -4.81 -9.51
N THR C 175 19.15 -5.90 -9.04
CA THR C 175 19.62 -7.01 -9.81
C THR C 175 18.94 -7.37 -11.14
N SER C 176 17.62 -7.40 -11.18
CA SER C 176 16.92 -7.76 -12.42
C SER C 176 16.55 -6.57 -13.32
N PHE C 177 17.19 -5.42 -13.10
CA PHE C 177 16.88 -4.25 -13.89
C PHE C 177 18.13 -3.66 -14.54
N PRO C 178 18.60 -4.32 -15.61
CA PRO C 178 19.77 -3.97 -16.41
C PRO C 178 19.80 -2.51 -16.76
N LEU C 179 18.74 -2.07 -17.42
CA LEU C 179 18.61 -0.71 -17.84
C LEU C 179 18.67 0.23 -16.63
N LEU C 180 17.98 -0.12 -15.56
CA LEU C 180 17.99 0.70 -14.38
C LEU C 180 19.39 0.74 -13.81
N LYS C 181 20.11 -0.37 -13.92
CA LYS C 181 21.49 -0.46 -13.41
C LYS C 181 22.42 0.43 -14.22
N ALA C 182 22.20 0.47 -15.53
CA ALA C 182 23.00 1.29 -16.39
C ALA C 182 22.64 2.75 -16.13
N PHE C 183 21.36 3.01 -15.99
CA PHE C 183 20.87 4.33 -15.73
C PHE C 183 21.50 4.94 -14.49
N LYS C 184 21.47 4.17 -13.40
CA LYS C 184 22.01 4.63 -12.13
C LYS C 184 23.44 5.14 -12.27
N SER C 185 24.28 4.37 -12.96
CA SER C 185 25.64 4.75 -13.14
C SER C 185 25.77 6.00 -13.99
N ARG C 186 24.92 6.11 -15.01
CA ARG C 186 24.96 7.23 -15.88
C ARG C 186 24.67 8.53 -15.13
N ILE C 187 23.52 8.61 -14.49
CA ILE C 187 23.17 9.81 -13.76
C ILE C 187 24.18 10.06 -12.63
N SER C 188 24.57 9.01 -11.93
CA SER C 188 25.55 9.12 -10.84
C SER C 188 26.86 9.73 -11.34
N SER C 189 27.07 9.73 -12.65
CA SER C 189 28.28 10.28 -13.24
C SER C 189 28.19 11.76 -13.65
N LEU C 190 27.02 12.37 -13.48
CA LEU C 190 26.86 13.78 -13.80
C LEU C 190 27.78 14.53 -12.82
N PRO C 191 28.75 15.33 -13.30
CA PRO C 191 29.72 16.10 -12.46
C PRO C 191 29.15 16.67 -11.15
N ASN C 192 28.03 17.38 -11.23
CA ASN C 192 27.42 17.97 -10.05
C ASN C 192 26.92 16.90 -9.10
N VAL C 193 26.29 15.87 -9.66
CA VAL C 193 25.76 14.74 -8.89
C VAL C 193 26.91 14.00 -8.19
N LYS C 194 28.06 13.94 -8.85
CA LYS C 194 29.24 13.28 -8.31
C LYS C 194 29.68 14.01 -7.02
N LYS C 195 29.85 15.33 -7.10
CA LYS C 195 30.25 16.12 -5.95
C LYS C 195 29.27 15.91 -4.81
N PHE C 196 27.99 15.99 -5.15
CA PHE C 196 26.94 15.84 -4.18
C PHE C 196 26.99 14.54 -3.41
N LEU C 197 27.39 13.46 -4.07
CA LEU C 197 27.44 12.18 -3.41
C LEU C 197 28.73 11.99 -2.61
N GLN C 198 29.71 12.84 -2.87
CA GLN C 198 30.94 12.75 -2.17
C GLN C 198 30.86 13.45 -0.82
N PRO C 199 31.92 13.33 0.00
CA PRO C 199 31.98 13.95 1.32
C PRO C 199 32.02 15.47 1.26
N GLY C 200 31.70 16.10 2.38
CA GLY C 200 31.72 17.55 2.47
C GLY C 200 30.55 18.26 1.83
N SER C 201 29.65 17.51 1.18
CA SER C 201 28.47 18.08 0.53
C SER C 201 27.28 18.22 1.49
N GLN C 202 26.20 18.84 1.02
CA GLN C 202 24.99 19.06 1.82
C GLN C 202 24.11 17.82 1.89
N ARG C 203 24.53 16.74 1.23
CA ARG C 203 23.82 15.48 1.21
C ARG C 203 23.70 14.94 2.64
N LYS C 204 22.48 14.65 3.07
CA LYS C 204 22.22 14.13 4.43
C LYS C 204 22.30 12.62 4.58
N LEU C 205 22.42 12.18 5.82
CA LEU C 205 22.55 10.77 6.14
C LEU C 205 21.24 9.99 6.16
N PRO C 206 21.29 8.68 5.88
CA PRO C 206 20.16 7.80 5.86
C PRO C 206 19.57 7.68 7.24
N MET C 207 18.25 7.70 7.29
CA MET C 207 17.44 7.60 8.53
C MET C 207 18.08 6.83 9.71
N ASP C 208 17.52 5.67 10.07
CA ASP C 208 18.01 4.76 11.20
C ASP C 208 17.02 4.57 12.36
N ALA C 209 16.98 3.35 12.87
CA ALA C 209 16.08 2.93 13.96
C ALA C 209 15.98 3.85 15.19
N LYS C 210 16.74 3.55 16.23
CA LYS C 210 16.72 4.35 17.43
C LYS C 210 17.19 5.77 17.10
N GLN C 211 18.05 5.88 16.09
CA GLN C 211 18.60 7.15 15.67
C GLN C 211 17.53 8.14 15.23
N ILE C 212 16.38 7.64 14.77
CA ILE C 212 15.29 8.50 14.36
C ILE C 212 14.89 9.32 15.57
N GLU C 213 14.65 8.64 16.69
CA GLU C 213 14.28 9.30 17.94
C GLU C 213 15.53 9.90 18.60
N GLU C 214 16.70 9.48 18.13
CA GLU C 214 18.00 9.99 18.65
C GLU C 214 18.40 11.27 17.90
N ALA C 215 17.47 11.77 17.10
CA ALA C 215 17.64 12.97 16.32
C ALA C 215 16.36 13.81 16.42
N ARG C 216 15.22 13.13 16.51
CA ARG C 216 13.90 13.79 16.61
C ARG C 216 13.19 13.42 17.92
#